data_6UQN
#
_entry.id   6UQN
#
_cell.length_a   65.148
_cell.length_b   85.415
_cell.length_c   240.724
_cell.angle_alpha   90.000
_cell.angle_beta   90.000
_cell.angle_gamma   90.000
#
_symmetry.space_group_name_H-M   'P 21 21 21'
#
loop_
_entity.id
_entity.type
_entity.pdbx_description
1 polymer 'Fumarate hydratase 2'
2 non-polymer 'IRON/SULFUR CLUSTER'
3 non-polymer '(2S)-2-hydroxybutanedioic acid'
4 non-polymer 'FUMARIC ACID'
5 non-polymer GLYCEROL
6 water water
#
_entity_poly.entity_id   1
_entity_poly.type   'polypeptide(L)'
_entity_poly.pdbx_seq_one_letter_code
;MGSSHHHHHHSSGLVPRGSHMASMTGGQQMGRGSEFMSLCDQCEIGCRRVGIKDIEDASAVNADFHFSAIFQPTDPHHHQ
TEFAKVEGSEKYVEEVEVFGRQALKVNPEALTILAHRAFSDVHHFFRKDHLEGWRRAIEDPEASDNDRYVATTLLKNACI
AAGRVLPSCQDTGTAIVLGKRGELCWTGGEDEKYLSKGIWNAYRYHNLAYSQTAALDMFKECNTGDNLPAQLDLLAVPGS
DYEFLFIAKGGGSANKAYLYQETKALLNPKSLRAFIEEKLKTLGTAACPPYHIALVIGGTSAEMTMKTVKLASCRYYDSL
PTTGDKYGRAFRDPEWEKIVMEVAQKSGIGAQFGGKYFAHQARVIRLPRHGASCPVGLAVSCSADRQILAHINKSGIYIE
QLEQNPAQYLPDIPEVHLSTTSVKVDLKRPIDKVRQQLSQYPVGTRVMLNGTLIVARDIAHAKIKEMMDNGEPLPEYMKT
SPIYYAGPAKTPEGYASGSFGPTTAGRMDSYVDLFQSHGGSYITLAKGNRSKQVTDACKKHGGFYLGSIGGPAAILAKDS
IKQVTCLAFPELGMEAVWKIEVEDFPAFIVVDDKGNDMYSKTLA
;
_entity_poly.pdbx_strand_id   A,B
#
loop_
_chem_comp.id
_chem_comp.type
_chem_comp.name
_chem_comp.formula
FUM non-polymer 'FUMARIC ACID' 'C4 H4 O4'
GOL non-polymer GLYCEROL 'C3 H8 O3'
LMR non-polymer '(2S)-2-hydroxybutanedioic acid' 'C4 H6 O5'
SF4 non-polymer 'IRON/SULFUR CLUSTER' 'Fe4 S4'
#
# COMPACT_ATOMS: atom_id res chain seq x y z
N ASN A 62 11.93 -26.53 -21.17
CA ASN A 62 11.84 -27.36 -19.99
C ASN A 62 13.25 -27.79 -19.57
N ALA A 63 14.14 -26.82 -19.34
CA ALA A 63 15.52 -27.10 -18.93
C ALA A 63 15.90 -26.56 -17.55
N ASP A 64 16.58 -25.42 -17.57
CA ASP A 64 17.11 -24.82 -16.35
C ASP A 64 16.04 -24.02 -15.63
N PHE A 65 14.86 -24.61 -15.46
CA PHE A 65 13.72 -23.95 -14.82
C PHE A 65 13.46 -24.58 -13.46
N HIS A 66 13.51 -23.76 -12.41
CA HIS A 66 13.15 -24.18 -11.06
C HIS A 66 12.14 -23.19 -10.49
N PHE A 67 10.95 -23.69 -10.16
CA PHE A 67 9.93 -22.85 -9.55
C PHE A 67 10.15 -22.77 -8.05
N SER A 68 10.15 -21.55 -7.52
CA SER A 68 10.30 -21.31 -6.09
C SER A 68 9.28 -20.26 -5.69
N ALA A 69 8.26 -20.68 -4.94
CA ALA A 69 7.26 -19.73 -4.45
C ALA A 69 7.92 -18.70 -3.55
N ILE A 70 7.32 -17.51 -3.51
CA ILE A 70 7.92 -16.42 -2.74
C ILE A 70 7.89 -16.74 -1.26
N PHE A 71 6.78 -17.28 -0.77
CA PHE A 71 6.62 -17.61 0.64
C PHE A 71 6.65 -19.13 0.78
N GLN A 72 7.65 -19.62 1.51
CA GLN A 72 7.85 -21.05 1.75
C GLN A 72 7.85 -21.29 3.26
N PRO A 73 6.70 -21.20 3.91
CA PRO A 73 6.66 -21.36 5.37
C PRO A 73 6.87 -22.80 5.78
N THR A 74 7.69 -23.01 6.81
CA THR A 74 7.94 -24.36 7.30
C THR A 74 6.75 -24.93 8.06
N ASP A 75 5.72 -24.14 8.30
CA ASP A 75 4.47 -24.62 8.90
C ASP A 75 3.31 -23.92 8.19
N PRO A 76 3.03 -24.32 6.95
CA PRO A 76 1.99 -23.60 6.19
C PRO A 76 0.59 -23.85 6.71
N HIS A 77 0.32 -25.04 7.25
CA HIS A 77 -0.99 -25.40 7.77
C HIS A 77 -1.17 -24.99 9.22
N HIS A 78 -0.16 -24.35 9.82
CA HIS A 78 -0.23 -23.84 11.20
C HIS A 78 -0.53 -24.95 12.21
N HIS A 79 0.37 -25.94 12.25
CA HIS A 79 0.25 -26.98 13.27
C HIS A 79 0.68 -26.49 14.64
N GLN A 80 1.61 -25.52 14.68
CA GLN A 80 2.06 -24.95 15.94
C GLN A 80 0.95 -24.16 16.66
N THR A 81 -0.12 -23.82 15.95
CA THR A 81 -1.24 -23.11 16.53
C THR A 81 -2.26 -24.11 17.08
N GLU A 82 -2.76 -23.85 18.28
CA GLU A 82 -3.70 -24.75 18.92
C GLU A 82 -5.11 -24.49 18.41
N PHE A 83 -5.78 -25.55 17.96
CA PHE A 83 -7.11 -25.47 17.38
C PHE A 83 -8.13 -26.21 18.23
N ALA A 84 -9.36 -25.71 18.23
CA ALA A 84 -10.49 -26.39 18.83
C ALA A 84 -11.50 -26.72 17.74
N LYS A 85 -12.15 -27.89 17.88
CA LYS A 85 -13.12 -28.34 16.90
C LYS A 85 -14.53 -27.97 17.32
N VAL A 86 -15.31 -27.45 16.37
CA VAL A 86 -16.71 -27.18 16.60
C VAL A 86 -17.43 -28.52 16.80
N GLU A 87 -18.08 -28.67 17.95
CA GLU A 87 -18.78 -29.92 18.25
C GLU A 87 -19.90 -30.14 17.24
N GLY A 88 -19.85 -31.28 16.55
CA GLY A 88 -20.86 -31.61 15.57
C GLY A 88 -20.73 -30.88 14.26
N SER A 89 -19.50 -30.54 13.86
CA SER A 89 -19.26 -29.88 12.58
C SER A 89 -18.95 -30.86 11.46
N GLU A 90 -18.66 -32.12 11.78
CA GLU A 90 -18.38 -33.13 10.77
C GLU A 90 -19.57 -33.39 9.85
N LYS A 91 -20.77 -32.95 10.22
CA LYS A 91 -21.94 -33.12 9.38
C LYS A 91 -21.99 -32.11 8.23
N TYR A 92 -21.19 -31.05 8.28
CA TYR A 92 -21.15 -30.04 7.23
C TYR A 92 -20.22 -30.41 6.09
N VAL A 93 -19.52 -31.54 6.16
CA VAL A 93 -18.60 -31.96 5.12
C VAL A 93 -18.98 -33.35 4.65
N GLU A 94 -18.50 -33.69 3.46
CA GLU A 94 -18.71 -35.01 2.87
C GLU A 94 -17.57 -35.29 1.90
N GLU A 95 -16.77 -36.30 2.21
CA GLU A 95 -15.69 -36.70 1.32
C GLU A 95 -16.24 -37.45 0.13
N VAL A 96 -15.89 -37.00 -1.07
CA VAL A 96 -16.29 -37.65 -2.32
C VAL A 96 -15.04 -37.85 -3.17
N GLU A 97 -15.21 -38.60 -4.25
CA GLU A 97 -14.12 -38.88 -5.19
C GLU A 97 -14.61 -38.66 -6.60
N VAL A 98 -14.02 -37.68 -7.29
CA VAL A 98 -14.42 -37.33 -8.65
C VAL A 98 -13.19 -37.35 -9.54
N PHE A 99 -13.27 -38.10 -10.64
CA PHE A 99 -12.15 -38.25 -11.57
C PHE A 99 -10.86 -38.67 -10.85
N GLY A 100 -11.00 -39.58 -9.89
CA GLY A 100 -9.87 -40.10 -9.15
C GLY A 100 -9.34 -39.20 -8.05
N ARG A 101 -9.72 -37.92 -8.03
CA ARG A 101 -9.20 -36.94 -7.10
C ARG A 101 -10.12 -36.81 -5.90
N GLN A 102 -9.52 -36.57 -4.74
CA GLN A 102 -10.27 -36.46 -3.48
C GLN A 102 -10.82 -35.04 -3.34
N ALA A 103 -12.13 -34.93 -3.19
CA ALA A 103 -12.79 -33.64 -3.03
C ALA A 103 -13.47 -33.60 -1.66
N LEU A 104 -14.03 -32.43 -1.34
CA LEU A 104 -14.68 -32.22 -0.05
C LEU A 104 -15.88 -31.31 -0.29
N LYS A 105 -17.08 -31.88 -0.23
CA LYS A 105 -18.30 -31.09 -0.35
C LYS A 105 -18.58 -30.44 0.99
N VAL A 106 -18.44 -29.11 1.05
CA VAL A 106 -18.60 -28.36 2.28
C VAL A 106 -19.92 -27.61 2.22
N ASN A 107 -20.75 -27.80 3.24
CA ASN A 107 -21.97 -27.03 3.37
C ASN A 107 -21.61 -25.55 3.53
N PRO A 108 -22.12 -24.67 2.67
CA PRO A 108 -21.79 -23.25 2.81
C PRO A 108 -22.26 -22.63 4.11
N GLU A 109 -23.18 -23.27 4.84
CA GLU A 109 -23.56 -22.78 6.15
C GLU A 109 -22.41 -22.88 7.15
N ALA A 110 -21.45 -23.78 6.90
CA ALA A 110 -20.27 -23.86 7.76
C ALA A 110 -19.41 -22.60 7.67
N LEU A 111 -19.46 -21.90 6.53
CA LEU A 111 -18.76 -20.62 6.43
C LEU A 111 -19.43 -19.57 7.30
N THR A 112 -20.76 -19.62 7.42
CA THR A 112 -21.47 -18.67 8.27
C THR A 112 -21.18 -18.91 9.74
N ILE A 113 -21.21 -20.17 10.18
CA ILE A 113 -20.99 -20.50 11.58
C ILE A 113 -19.56 -20.14 11.99
N LEU A 114 -18.58 -20.46 11.14
CA LEU A 114 -17.19 -20.20 11.48
C LEU A 114 -16.94 -18.70 11.66
N ALA A 115 -17.44 -17.90 10.73
CA ALA A 115 -17.27 -16.45 10.83
C ALA A 115 -17.98 -15.89 12.06
N HIS A 116 -19.12 -16.47 12.43
CA HIS A 116 -19.80 -16.04 13.65
C HIS A 116 -18.94 -16.27 14.87
N ARG A 117 -18.48 -17.51 15.08
CA ARG A 117 -17.65 -17.81 16.24
C ARG A 117 -16.34 -17.03 16.20
N ALA A 118 -15.77 -16.85 15.01
CA ALA A 118 -14.47 -16.17 14.89
C ALA A 118 -14.57 -14.71 15.29
N PHE A 119 -15.45 -13.95 14.62
CA PHE A 119 -15.59 -12.53 14.91
C PHE A 119 -16.33 -12.24 16.20
N SER A 120 -16.76 -13.27 16.93
CA SER A 120 -17.33 -13.09 18.26
C SER A 120 -16.28 -13.31 19.34
N ASP A 121 -15.65 -14.49 19.34
CA ASP A 121 -14.69 -14.84 20.38
C ASP A 121 -13.38 -14.09 20.25
N VAL A 122 -13.14 -13.38 19.15
CA VAL A 122 -11.88 -12.66 19.00
C VAL A 122 -11.91 -11.29 19.67
N HIS A 123 -13.09 -10.72 19.91
CA HIS A 123 -13.19 -9.45 20.61
C HIS A 123 -13.15 -9.60 22.13
N HIS A 124 -12.96 -10.82 22.64
CA HIS A 124 -12.92 -11.06 24.08
C HIS A 124 -11.63 -11.69 24.56
N PHE A 125 -10.82 -12.26 23.67
CA PHE A 125 -9.61 -12.97 24.07
C PHE A 125 -8.45 -12.56 23.17
N PHE A 126 -7.24 -12.89 23.62
CA PHE A 126 -6.02 -12.62 22.88
C PHE A 126 -5.13 -13.86 22.89
N ARG A 127 -4.12 -13.85 22.02
CA ARG A 127 -3.16 -14.94 21.98
C ARG A 127 -2.25 -14.89 23.21
N LYS A 128 -1.35 -15.87 23.29
CA LYS A 128 -0.40 -15.90 24.40
C LYS A 128 0.68 -14.84 24.21
N ASP A 129 1.22 -14.69 22.99
CA ASP A 129 2.30 -13.75 22.77
C ASP A 129 1.86 -12.30 22.93
N HIS A 130 0.56 -12.02 22.84
CA HIS A 130 0.08 -10.68 23.13
C HIS A 130 -0.03 -10.44 24.64
N LEU A 131 -0.43 -11.46 25.38
CA LEU A 131 -0.46 -11.36 26.84
C LEU A 131 0.92 -11.57 27.45
N GLU A 132 1.78 -12.37 26.81
CA GLU A 132 3.15 -12.52 27.26
C GLU A 132 3.96 -11.24 27.10
N GLY A 133 3.46 -10.28 26.32
CA GLY A 133 4.13 -9.01 26.16
C GLY A 133 3.73 -8.00 27.21
N TRP A 134 2.50 -8.13 27.72
CA TRP A 134 2.06 -7.26 28.80
C TRP A 134 2.69 -7.68 30.13
N ARG A 135 2.69 -8.98 30.41
CA ARG A 135 3.33 -9.48 31.64
C ARG A 135 4.82 -9.17 31.64
N ARG A 136 5.48 -9.30 30.49
CA ARG A 136 6.89 -8.94 30.39
C ARG A 136 7.10 -7.46 30.64
N ALA A 137 6.15 -6.62 30.23
CA ALA A 137 6.25 -5.19 30.49
C ALA A 137 6.00 -4.85 31.94
N ILE A 138 5.34 -5.72 32.69
CA ILE A 138 5.08 -5.49 34.10
C ILE A 138 6.25 -5.98 34.97
N GLU A 139 6.84 -7.13 34.63
CA GLU A 139 7.88 -7.72 35.45
C GLU A 139 9.28 -7.20 35.11
N ASP A 140 9.50 -6.67 33.92
CA ASP A 140 10.83 -6.21 33.52
C ASP A 140 11.25 -5.00 34.36
N PRO A 141 12.41 -5.03 35.01
CA PRO A 141 12.86 -3.86 35.76
C PRO A 141 13.05 -2.61 34.90
N GLU A 142 13.51 -2.78 33.66
CA GLU A 142 13.78 -1.63 32.79
C GLU A 142 12.51 -0.92 32.33
N ALA A 143 11.32 -1.43 32.66
CA ALA A 143 10.08 -0.78 32.25
C ALA A 143 9.76 0.39 33.16
N SER A 144 9.33 1.50 32.56
CA SER A 144 9.02 2.68 33.33
C SER A 144 7.80 2.45 34.22
N ASP A 145 7.61 3.36 35.18
CA ASP A 145 6.45 3.28 36.04
C ASP A 145 5.16 3.45 35.25
N ASN A 146 5.22 4.14 34.11
CA ASN A 146 4.07 4.22 33.22
C ASN A 146 3.91 2.96 32.39
N ASP A 147 5.02 2.30 32.03
CA ASP A 147 4.93 1.04 31.30
C ASP A 147 4.17 -0.01 32.10
N ARG A 148 4.49 -0.14 33.39
CA ARG A 148 3.75 -1.08 34.23
C ARG A 148 2.32 -0.63 34.45
N TYR A 149 2.07 0.68 34.52
CA TYR A 149 0.71 1.16 34.76
C TYR A 149 -0.19 0.87 33.56
N VAL A 150 0.29 1.15 32.35
CA VAL A 150 -0.50 0.90 31.16
C VAL A 150 -0.67 -0.60 30.93
N ALA A 151 0.43 -1.35 31.02
CA ALA A 151 0.35 -2.81 30.81
C ALA A 151 -0.56 -3.47 31.84
N THR A 152 -0.57 -2.97 33.08
CA THR A 152 -1.50 -3.52 34.07
C THR A 152 -2.93 -3.15 33.75
N THR A 153 -3.16 -1.90 33.33
CA THR A 153 -4.51 -1.47 32.97
C THR A 153 -5.01 -2.20 31.73
N LEU A 154 -4.12 -2.45 30.77
CA LEU A 154 -4.51 -3.21 29.58
C LEU A 154 -4.76 -4.68 29.94
N LEU A 155 -3.84 -5.29 30.68
CA LEU A 155 -4.01 -6.68 31.08
C LEU A 155 -5.27 -6.87 31.94
N LYS A 156 -5.61 -5.87 32.76
CA LYS A 156 -6.87 -5.93 33.48
C LYS A 156 -8.06 -5.80 32.53
N ASN A 157 -7.92 -4.97 31.49
CA ASN A 157 -8.99 -4.84 30.50
C ASN A 157 -9.22 -6.16 29.76
N ALA A 158 -8.18 -6.97 29.62
CA ALA A 158 -8.36 -8.28 29.00
C ALA A 158 -9.19 -9.20 29.89
N CYS A 159 -9.06 -9.08 31.20
CA CYS A 159 -9.86 -9.92 32.10
C CYS A 159 -11.33 -9.54 32.05
N ILE A 160 -11.62 -8.23 32.04
CA ILE A 160 -13.01 -7.78 31.90
C ILE A 160 -13.56 -8.19 30.54
N ALA A 161 -12.73 -8.12 29.50
CA ALA A 161 -13.19 -8.49 28.17
C ALA A 161 -13.37 -9.99 28.03
N ALA A 162 -12.52 -10.77 28.71
CA ALA A 162 -12.64 -12.23 28.67
C ALA A 162 -13.97 -12.71 29.25
N GLY A 163 -14.66 -11.86 30.01
CA GLY A 163 -15.97 -12.20 30.54
C GLY A 163 -17.07 -12.35 29.49
N ARG A 164 -16.77 -12.09 28.22
CA ARG A 164 -17.65 -12.29 27.08
C ARG A 164 -18.83 -11.32 27.05
N VAL A 165 -18.89 -10.35 27.94
CA VAL A 165 -19.97 -9.37 27.96
C VAL A 165 -19.58 -8.10 27.22
N LEU A 166 -18.35 -7.64 27.38
CA LEU A 166 -17.86 -6.43 26.75
C LEU A 166 -16.73 -6.76 25.79
N PRO A 167 -16.66 -6.08 24.64
CA PRO A 167 -15.53 -6.27 23.73
C PRO A 167 -14.26 -5.67 24.32
N SER A 168 -13.13 -6.16 23.81
CA SER A 168 -11.84 -5.67 24.29
C SER A 168 -11.61 -4.21 23.95
N CYS A 169 -12.17 -3.74 22.83
CA CYS A 169 -12.06 -2.34 22.45
C CYS A 169 -13.36 -1.91 21.77
N GLN A 170 -13.67 -0.61 21.90
CA GLN A 170 -14.88 -0.07 21.31
C GLN A 170 -14.84 -0.10 19.78
N ASP A 171 -13.64 -0.10 19.19
CA ASP A 171 -13.49 -0.16 17.74
C ASP A 171 -13.40 -1.62 17.34
N THR A 172 -14.56 -2.22 17.09
CA THR A 172 -14.64 -3.63 16.73
C THR A 172 -14.00 -3.94 15.38
N GLY A 173 -13.54 -2.92 14.65
CA GLY A 173 -12.67 -3.11 13.52
C GLY A 173 -13.40 -3.55 12.26
N THR A 174 -12.73 -3.37 11.13
CA THR A 174 -13.23 -3.86 9.86
C THR A 174 -13.10 -5.38 9.79
N ALA A 175 -14.13 -6.04 9.28
CA ALA A 175 -14.14 -7.50 9.18
C ALA A 175 -13.27 -7.91 8.00
N ILE A 176 -12.15 -8.58 8.28
CA ILE A 176 -11.21 -9.02 7.27
C ILE A 176 -11.14 -10.54 7.31
N VAL A 177 -11.25 -11.16 6.15
CA VAL A 177 -11.21 -12.62 6.02
C VAL A 177 -10.21 -12.97 4.92
N LEU A 178 -9.20 -13.76 5.27
CA LEU A 178 -8.26 -14.32 4.31
C LEU A 178 -8.57 -15.81 4.17
N GLY A 179 -9.30 -16.16 3.13
CA GLY A 179 -9.68 -17.54 2.88
C GLY A 179 -8.84 -18.16 1.78
N LYS A 180 -8.59 -19.46 1.91
CA LYS A 180 -7.81 -20.22 0.93
C LYS A 180 -8.59 -21.49 0.61
N ARG A 181 -9.44 -21.42 -0.41
CA ARG A 181 -10.27 -22.55 -0.82
C ARG A 181 -9.46 -23.49 -1.70
N GLY A 182 -9.48 -24.77 -1.37
CA GLY A 182 -8.76 -25.74 -2.15
C GLY A 182 -9.32 -25.92 -3.55
N GLU A 183 -8.46 -26.41 -4.44
CA GLU A 183 -8.89 -26.71 -5.80
C GLU A 183 -10.07 -27.67 -5.81
N LEU A 184 -10.12 -28.59 -4.85
CA LEU A 184 -11.18 -29.59 -4.77
C LEU A 184 -12.08 -29.37 -3.57
N CYS A 185 -12.08 -28.17 -3.01
CA CYS A 185 -13.02 -27.79 -1.96
C CYS A 185 -14.21 -27.11 -2.61
N TRP A 186 -15.39 -27.70 -2.48
CA TRP A 186 -16.60 -27.24 -3.16
C TRP A 186 -17.62 -26.78 -2.14
N THR A 187 -18.07 -25.53 -2.29
CA THR A 187 -19.01 -24.92 -1.37
C THR A 187 -20.27 -24.42 -2.04
N GLY A 188 -20.32 -24.38 -3.37
CA GLY A 188 -21.43 -23.81 -4.10
C GLY A 188 -21.13 -22.47 -4.73
N GLY A 189 -19.98 -21.87 -4.42
CA GLY A 189 -19.58 -20.61 -4.99
C GLY A 189 -20.01 -19.38 -4.23
N GLU A 190 -21.02 -19.49 -3.36
CA GLU A 190 -21.51 -18.33 -2.61
C GLU A 190 -20.75 -18.12 -1.32
N ASP A 191 -19.42 -18.26 -1.36
CA ASP A 191 -18.61 -18.16 -0.17
C ASP A 191 -18.73 -16.78 0.47
N GLU A 192 -18.76 -15.73 -0.34
CA GLU A 192 -18.81 -14.37 0.21
C GLU A 192 -20.11 -14.10 0.95
N LYS A 193 -21.24 -14.55 0.40
CA LYS A 193 -22.53 -14.28 1.02
C LYS A 193 -22.65 -14.96 2.39
N TYR A 194 -22.23 -16.22 2.49
CA TYR A 194 -22.32 -16.93 3.75
C TYR A 194 -21.31 -16.40 4.76
N LEU A 195 -20.11 -16.03 4.30
CA LEU A 195 -19.13 -15.43 5.20
C LEU A 195 -19.62 -14.08 5.71
N SER A 196 -20.27 -13.30 4.86
CA SER A 196 -20.80 -12.02 5.30
C SER A 196 -21.96 -12.19 6.28
N LYS A 197 -22.75 -13.25 6.11
CA LYS A 197 -23.83 -13.52 7.04
C LYS A 197 -23.30 -13.88 8.42
N GLY A 198 -22.19 -14.62 8.48
CA GLY A 198 -21.58 -14.92 9.77
C GLY A 198 -21.03 -13.68 10.45
N ILE A 199 -20.44 -12.78 9.66
CA ILE A 199 -20.01 -11.50 10.22
C ILE A 199 -21.22 -10.65 10.60
N TRP A 200 -22.27 -10.70 9.77
CA TRP A 200 -23.49 -9.98 10.09
C TRP A 200 -24.11 -10.48 11.39
N ASN A 201 -24.10 -11.81 11.61
CA ASN A 201 -24.62 -12.36 12.85
C ASN A 201 -23.76 -11.98 14.04
N ALA A 202 -22.45 -11.86 13.86
CA ALA A 202 -21.55 -11.60 14.98
C ALA A 202 -21.75 -10.19 15.54
N TYR A 203 -21.88 -9.20 14.66
CA TYR A 203 -21.99 -7.82 15.10
C TYR A 203 -23.42 -7.40 15.42
N ARG A 204 -24.42 -8.16 15.01
CA ARG A 204 -25.81 -7.83 15.32
C ARG A 204 -26.24 -8.37 16.68
N TYR A 205 -25.78 -9.57 17.03
CA TYR A 205 -26.23 -10.24 18.25
C TYR A 205 -25.22 -10.18 19.38
N HIS A 206 -24.17 -9.37 19.23
CA HIS A 206 -23.19 -9.16 20.29
C HIS A 206 -23.04 -7.67 20.57
N ASN A 207 -22.36 -7.35 21.68
CA ASN A 207 -22.20 -5.97 22.10
C ASN A 207 -21.05 -5.30 21.35
N LEU A 208 -21.06 -5.41 20.02
CA LEU A 208 -20.02 -4.84 19.18
C LEU A 208 -20.45 -3.47 18.69
N ALA A 209 -19.74 -2.95 17.67
CA ALA A 209 -20.02 -1.63 17.14
C ALA A 209 -19.99 -1.67 15.62
N TYR A 210 -20.90 -0.93 14.99
CA TYR A 210 -20.97 -0.86 13.53
C TYR A 210 -20.03 0.24 13.07
N SER A 211 -18.88 -0.16 12.52
CA SER A 211 -17.77 0.75 12.28
C SER A 211 -17.60 1.17 10.83
N GLN A 212 -18.37 0.61 9.91
CA GLN A 212 -18.17 0.85 8.49
C GLN A 212 -18.96 2.07 8.02
N THR A 213 -18.35 2.86 7.14
CA THR A 213 -18.94 4.09 6.62
C THR A 213 -19.18 3.91 5.13
N ALA A 214 -20.46 3.96 4.74
CA ALA A 214 -20.82 3.84 3.33
C ALA A 214 -20.63 5.17 2.62
N ALA A 215 -20.43 5.10 1.31
CA ALA A 215 -20.21 6.27 0.48
C ALA A 215 -21.39 6.39 -0.50
N LEU A 216 -22.32 7.30 -0.20
CA LEU A 216 -23.42 7.55 -1.11
C LEU A 216 -22.94 8.31 -2.34
N ASP A 217 -22.05 9.27 -2.15
CA ASP A 217 -21.30 9.88 -3.23
C ASP A 217 -19.87 10.08 -2.74
N MET A 218 -19.12 10.93 -3.43
CA MET A 218 -17.73 11.18 -3.06
C MET A 218 -17.61 11.76 -1.65
N PHE A 219 -18.62 12.48 -1.20
CA PHE A 219 -18.54 13.15 0.10
C PHE A 219 -19.69 12.83 1.03
N LYS A 220 -20.91 12.71 0.52
CA LYS A 220 -22.03 12.33 1.36
C LYS A 220 -21.85 10.89 1.83
N GLU A 221 -21.95 10.67 3.13
CA GLU A 221 -21.68 9.37 3.74
C GLU A 221 -22.80 8.99 4.69
N CYS A 222 -22.81 7.72 5.07
CA CYS A 222 -23.71 7.20 6.08
C CYS A 222 -23.13 5.89 6.60
N ASN A 223 -23.58 5.48 7.78
CA ASN A 223 -23.17 4.21 8.33
C ASN A 223 -24.02 3.08 7.75
N THR A 224 -23.44 1.88 7.71
CA THR A 224 -24.13 0.73 7.14
C THR A 224 -25.02 0.00 8.14
N GLY A 225 -24.71 0.10 9.44
CA GLY A 225 -25.53 -0.52 10.46
C GLY A 225 -25.29 -2.00 10.66
N ASP A 226 -24.27 -2.58 10.03
CA ASP A 226 -24.00 -4.00 10.18
C ASP A 226 -22.51 -4.33 10.22
N ASN A 227 -21.64 -3.33 10.31
CA ASN A 227 -20.19 -3.50 10.21
C ASN A 227 -19.77 -4.16 8.90
N LEU A 228 -20.62 -4.08 7.88
CA LEU A 228 -20.37 -4.55 6.54
C LEU A 228 -20.20 -3.34 5.61
N PRO A 229 -19.55 -3.50 4.45
CA PRO A 229 -19.00 -4.72 3.86
C PRO A 229 -17.70 -5.19 4.51
N ALA A 230 -17.38 -6.46 4.27
CA ALA A 230 -16.15 -7.06 4.77
C ALA A 230 -15.11 -7.17 3.66
N GLN A 231 -13.85 -7.18 4.06
CA GLN A 231 -12.75 -7.42 3.13
C GLN A 231 -12.68 -8.92 2.88
N LEU A 232 -13.22 -9.36 1.76
CA LEU A 232 -13.31 -10.79 1.44
C LEU A 232 -12.29 -11.08 0.34
N ASP A 233 -11.07 -11.42 0.76
N ASP A 233 -11.06 -11.40 0.75
CA ASP A 233 -9.98 -11.75 -0.16
CA ASP A 233 -9.99 -11.75 -0.18
C ASP A 233 -9.80 -13.26 -0.11
C ASP A 233 -9.80 -13.25 -0.11
N LEU A 234 -10.48 -13.97 -1.01
CA LEU A 234 -10.49 -15.42 -1.04
C LEU A 234 -9.51 -15.92 -2.11
N LEU A 235 -8.54 -16.72 -1.69
CA LEU A 235 -7.49 -17.20 -2.58
C LEU A 235 -7.76 -18.63 -3.01
N ALA A 236 -7.25 -18.98 -4.20
CA ALA A 236 -7.36 -20.33 -4.74
C ALA A 236 -6.06 -21.08 -4.46
N VAL A 237 -6.16 -22.18 -3.73
CA VAL A 237 -5.00 -22.95 -3.31
C VAL A 237 -5.21 -24.41 -3.68
N PRO A 238 -4.14 -25.19 -3.76
CA PRO A 238 -4.28 -26.63 -4.00
C PRO A 238 -4.97 -27.32 -2.83
N GLY A 239 -5.36 -28.57 -3.08
CA GLY A 239 -5.95 -29.39 -2.04
C GLY A 239 -7.46 -29.31 -2.01
N SER A 240 -8.02 -29.88 -0.93
CA SER A 240 -9.46 -29.91 -0.74
C SER A 240 -9.90 -29.25 0.57
N ASP A 241 -8.98 -28.68 1.33
CA ASP A 241 -9.30 -28.03 2.60
C ASP A 241 -9.49 -26.53 2.39
N TYR A 242 -10.16 -25.91 3.36
CA TYR A 242 -10.46 -24.48 3.32
C TYR A 242 -9.87 -23.82 4.56
N GLU A 243 -8.76 -23.09 4.38
CA GLU A 243 -8.04 -22.48 5.48
C GLU A 243 -8.35 -20.98 5.54
N PHE A 244 -8.36 -20.44 6.76
CA PHE A 244 -8.81 -19.08 6.99
C PHE A 244 -7.85 -18.35 7.91
N LEU A 245 -7.92 -17.02 7.85
CA LEU A 245 -7.33 -16.13 8.85
C LEU A 245 -8.29 -14.95 9.02
N PHE A 246 -9.00 -14.91 10.14
CA PHE A 246 -9.97 -13.87 10.41
C PHE A 246 -9.31 -12.75 11.21
N ILE A 247 -9.45 -11.51 10.73
CA ILE A 247 -8.83 -10.34 11.35
C ILE A 247 -9.91 -9.29 11.58
N ALA A 248 -9.91 -8.70 12.77
CA ALA A 248 -10.72 -7.54 13.08
C ALA A 248 -9.77 -6.36 13.33
N LYS A 249 -9.30 -5.76 12.24
CA LYS A 249 -8.31 -4.70 12.32
C LYS A 249 -8.99 -3.39 12.71
N GLY A 250 -8.60 -2.85 13.86
CA GLY A 250 -9.15 -1.57 14.29
C GLY A 250 -8.72 -0.43 13.39
N GLY A 251 -9.42 0.69 13.52
CA GLY A 251 -9.13 1.83 12.67
C GLY A 251 -7.77 2.44 12.94
N GLY A 252 -7.41 2.59 14.22
CA GLY A 252 -6.14 3.22 14.56
C GLY A 252 -4.95 2.44 14.02
N SER A 253 -4.97 1.11 14.19
CA SER A 253 -3.87 0.30 13.68
C SER A 253 -3.90 0.24 12.15
N ALA A 254 -5.10 0.24 11.56
CA ALA A 254 -5.20 0.23 10.11
C ALA A 254 -4.72 1.53 9.51
N ASN A 255 -4.81 2.63 10.26
CA ASN A 255 -4.32 3.91 9.78
C ASN A 255 -2.82 4.07 9.93
N LYS A 256 -2.16 3.19 10.69
CA LYS A 256 -0.71 3.19 10.82
C LYS A 256 -0.05 2.20 9.88
N ALA A 257 -0.67 1.94 8.74
CA ALA A 257 -0.07 1.17 7.66
C ALA A 257 0.53 2.17 6.68
N TYR A 258 1.85 2.17 6.55
CA TYR A 258 2.56 3.18 5.79
C TYR A 258 3.35 2.53 4.67
N LEU A 259 3.29 3.13 3.48
CA LEU A 259 4.02 2.65 2.31
C LEU A 259 5.02 3.72 1.91
N TYR A 260 6.30 3.36 1.93
CA TYR A 260 7.38 4.23 1.49
C TYR A 260 8.03 3.62 0.25
N GLN A 261 8.24 4.44 -0.77
CA GLN A 261 8.90 4.01 -1.99
C GLN A 261 10.36 4.48 -1.93
N GLU A 262 11.25 3.58 -1.53
CA GLU A 262 12.66 3.92 -1.36
C GLU A 262 13.46 3.42 -2.57
N THR A 263 14.78 3.57 -2.49
CA THR A 263 15.68 3.23 -3.60
C THR A 263 16.75 2.25 -3.16
N LYS A 264 17.69 1.97 -4.06
CA LYS A 264 18.82 1.12 -3.69
C LYS A 264 19.67 1.76 -2.60
N ALA A 265 19.69 3.09 -2.53
CA ALA A 265 20.50 3.80 -1.55
C ALA A 265 20.10 3.51 -0.11
N LEU A 266 18.94 2.91 0.12
CA LEU A 266 18.52 2.56 1.48
C LEU A 266 19.20 1.28 1.97
N LEU A 267 19.62 0.40 1.07
CA LEU A 267 20.07 -0.95 1.43
C LEU A 267 21.52 -0.89 1.90
N ASN A 268 21.69 -0.47 3.15
CA ASN A 268 22.97 -0.55 3.86
C ASN A 268 22.66 -0.37 5.34
N PRO A 269 23.44 -1.01 6.23
CA PRO A 269 23.06 -1.02 7.65
C PRO A 269 22.98 0.35 8.29
N LYS A 270 23.72 1.34 7.78
CA LYS A 270 23.64 2.68 8.34
C LYS A 270 22.34 3.36 7.94
N SER A 271 22.03 3.37 6.64
CA SER A 271 20.84 4.05 6.15
C SER A 271 19.57 3.37 6.67
N LEU A 272 19.53 2.04 6.64
CA LEU A 272 18.33 1.34 7.03
C LEU A 272 18.01 1.56 8.51
N ARG A 273 19.06 1.60 9.35
CA ARG A 273 18.83 1.87 10.78
C ARG A 273 18.30 3.29 10.99
N ALA A 274 18.87 4.27 10.28
CA ALA A 274 18.36 5.63 10.39
C ALA A 274 16.94 5.74 9.83
N PHE A 275 16.64 4.95 8.80
CA PHE A 275 15.27 4.89 8.30
C PHE A 275 14.32 4.35 9.37
N ILE A 276 14.73 3.29 10.06
CA ILE A 276 13.90 2.73 11.13
C ILE A 276 13.77 3.70 12.29
N GLU A 277 14.88 4.32 12.69
CA GLU A 277 14.82 5.35 13.72
C GLU A 277 13.82 6.44 13.33
N GLU A 278 13.86 6.86 12.07
CA GLU A 278 13.01 7.95 11.61
C GLU A 278 11.54 7.50 11.55
N LYS A 279 11.27 6.37 10.90
CA LYS A 279 9.88 6.00 10.61
C LYS A 279 9.13 5.48 11.83
N LEU A 280 9.82 4.84 12.78
CA LEU A 280 9.12 4.32 13.94
C LEU A 280 8.54 5.42 14.81
N LYS A 281 9.19 6.59 14.86
CA LYS A 281 8.62 7.72 15.60
C LYS A 281 7.34 8.23 14.94
N THR A 282 7.23 8.08 13.61
CA THR A 282 6.04 8.56 12.91
C THR A 282 4.81 7.75 13.30
N LEU A 283 4.99 6.49 13.68
CA LEU A 283 3.87 5.70 14.18
C LEU A 283 3.29 6.33 15.44
N GLY A 284 4.15 6.88 16.30
CA GLY A 284 3.74 7.52 17.53
C GLY A 284 3.01 6.57 18.45
N THR A 285 2.14 7.13 19.29
CA THR A 285 1.30 6.36 20.20
C THR A 285 -0.16 6.37 19.78
N ALA A 286 -0.48 6.88 18.59
CA ALA A 286 -1.86 7.00 18.15
C ALA A 286 -2.52 5.66 17.85
N ALA A 287 -1.75 4.57 17.82
CA ALA A 287 -2.29 3.24 17.56
C ALA A 287 -2.28 2.36 18.81
N CYS A 288 -2.26 2.98 20.00
CA CYS A 288 -2.32 2.29 21.28
C CYS A 288 -1.20 1.26 21.45
N PRO A 289 0.04 1.70 21.64
CA PRO A 289 1.13 0.76 21.90
C PRO A 289 0.97 0.09 23.25
N PRO A 290 1.76 -0.97 23.56
CA PRO A 290 2.83 -1.62 22.78
C PRO A 290 2.35 -2.27 21.49
N TYR A 291 3.11 -2.06 20.43
CA TYR A 291 2.74 -2.57 19.11
C TYR A 291 3.31 -3.97 18.88
N HIS A 292 2.78 -4.61 17.85
CA HIS A 292 3.45 -5.74 17.19
C HIS A 292 3.98 -5.20 15.88
N ILE A 293 5.19 -4.62 15.94
CA ILE A 293 5.75 -3.91 14.80
C ILE A 293 6.12 -4.90 13.70
N ALA A 294 5.69 -4.61 12.48
CA ALA A 294 6.02 -5.41 11.31
C ALA A 294 6.64 -4.51 10.25
N LEU A 295 7.71 -5.00 9.64
CA LEU A 295 8.44 -4.22 8.63
C LEU A 295 8.79 -5.13 7.46
N VAL A 296 8.44 -4.69 6.25
CA VAL A 296 8.71 -5.44 5.03
C VAL A 296 9.57 -4.57 4.12
N ILE A 297 10.70 -5.11 3.68
CA ILE A 297 11.64 -4.42 2.81
C ILE A 297 11.60 -5.11 1.46
N GLY A 298 11.10 -4.43 0.44
CA GLY A 298 10.97 -5.00 -0.89
C GLY A 298 9.55 -5.44 -1.20
N GLY A 299 9.44 -6.10 -2.34
CA GLY A 299 8.15 -6.61 -2.81
C GLY A 299 8.03 -6.55 -4.31
N THR A 300 7.12 -7.38 -4.85
CA THR A 300 6.83 -7.38 -6.27
C THR A 300 5.90 -6.25 -6.68
N SER A 301 5.20 -5.65 -5.73
CA SER A 301 4.34 -4.50 -6.00
C SER A 301 4.01 -3.82 -4.68
N ALA A 302 3.40 -2.65 -4.77
CA ALA A 302 2.99 -1.93 -3.57
C ALA A 302 1.98 -2.72 -2.76
N GLU A 303 0.91 -3.19 -3.43
CA GLU A 303 -0.14 -3.92 -2.71
C GLU A 303 0.41 -5.23 -2.14
N MET A 304 1.31 -5.89 -2.87
CA MET A 304 1.92 -7.10 -2.35
C MET A 304 2.77 -6.80 -1.12
N THR A 305 3.38 -5.62 -1.07
CA THR A 305 4.15 -5.23 0.10
C THR A 305 3.24 -4.90 1.28
N MET A 306 2.21 -4.09 1.04
CA MET A 306 1.31 -3.70 2.11
C MET A 306 0.46 -4.87 2.61
N LYS A 307 0.19 -5.86 1.73
CA LYS A 307 -0.49 -7.07 2.19
C LYS A 307 0.45 -7.94 3.02
N THR A 308 1.72 -8.02 2.62
CA THR A 308 2.68 -8.86 3.33
C THR A 308 2.97 -8.32 4.72
N VAL A 309 3.03 -6.99 4.87
CA VAL A 309 3.37 -6.42 6.17
C VAL A 309 2.25 -6.64 7.17
N LYS A 310 0.99 -6.60 6.71
CA LYS A 310 -0.11 -6.85 7.64
C LYS A 310 -0.14 -8.32 8.06
N LEU A 311 0.11 -9.24 7.12
CA LEU A 311 0.20 -10.64 7.49
C LEU A 311 1.34 -10.88 8.45
N ALA A 312 2.44 -10.14 8.32
CA ALA A 312 3.51 -10.22 9.30
C ALA A 312 3.05 -9.70 10.65
N SER A 313 2.26 -8.62 10.66
CA SER A 313 1.73 -8.10 11.92
C SER A 313 0.79 -9.11 12.57
N CYS A 314 -0.08 -9.74 11.78
CA CYS A 314 -0.93 -10.81 12.30
C CYS A 314 -0.17 -12.10 12.53
N ARG A 315 1.14 -12.10 12.27
CA ARG A 315 2.03 -13.22 12.54
C ARG A 315 1.63 -14.45 11.75
N TYR A 316 1.33 -14.24 10.47
CA TYR A 316 1.01 -15.29 9.51
C TYR A 316 2.24 -15.88 8.85
N TYR A 317 3.32 -15.10 8.73
CA TYR A 317 4.53 -15.51 8.04
C TYR A 317 5.66 -15.81 9.03
N ASP A 318 5.32 -16.22 10.25
CA ASP A 318 6.36 -16.45 11.26
C ASP A 318 7.20 -17.67 10.92
N SER A 319 6.59 -18.70 10.34
CA SER A 319 7.28 -19.93 10.01
C SER A 319 8.07 -19.83 8.70
N LEU A 320 8.28 -18.62 8.17
CA LEU A 320 9.08 -18.44 6.98
C LEU A 320 10.54 -18.72 7.27
N PRO A 321 11.33 -19.09 6.25
CA PRO A 321 12.77 -19.28 6.45
C PRO A 321 13.45 -17.99 6.88
N THR A 322 14.70 -18.13 7.32
CA THR A 322 15.49 -17.00 7.78
C THR A 322 16.64 -16.66 6.85
N THR A 323 16.70 -17.30 5.68
CA THR A 323 17.76 -17.07 4.70
C THR A 323 17.15 -16.98 3.31
N GLY A 324 17.71 -16.09 2.48
CA GLY A 324 17.32 -16.00 1.09
C GLY A 324 18.13 -16.94 0.21
N ASP A 325 17.80 -16.92 -1.08
CA ASP A 325 18.49 -17.75 -2.06
C ASP A 325 18.48 -17.05 -3.40
N LYS A 326 19.04 -17.72 -4.41
CA LYS A 326 19.10 -17.18 -5.76
C LYS A 326 17.73 -17.06 -6.41
N TYR A 327 16.69 -17.65 -5.82
CA TYR A 327 15.34 -17.61 -6.37
C TYR A 327 14.48 -16.51 -5.76
N GLY A 328 15.04 -15.69 -4.88
CA GLY A 328 14.32 -14.54 -4.35
C GLY A 328 13.16 -14.88 -3.44
N ARG A 329 13.33 -15.89 -2.58
CA ARG A 329 12.25 -16.26 -1.67
C ARG A 329 12.17 -15.27 -0.51
N ALA A 330 10.96 -15.11 0.02
CA ALA A 330 10.78 -14.30 1.21
C ALA A 330 11.36 -15.00 2.42
N PHE A 331 11.85 -14.20 3.38
CA PHE A 331 12.42 -14.77 4.58
C PHE A 331 12.40 -13.73 5.69
N ARG A 332 12.19 -14.21 6.91
CA ARG A 332 12.32 -13.37 8.09
C ARG A 332 13.79 -13.12 8.42
N ASP A 333 14.09 -11.91 8.88
CA ASP A 333 15.46 -11.55 9.26
C ASP A 333 15.51 -11.34 10.77
N PRO A 334 15.77 -12.39 11.56
CA PRO A 334 15.83 -12.20 13.01
C PRO A 334 16.92 -11.25 13.46
N GLU A 335 17.99 -11.11 12.68
CA GLU A 335 19.03 -10.13 13.00
C GLU A 335 18.45 -8.73 13.07
N TRP A 336 17.76 -8.31 12.02
CA TRP A 336 17.15 -6.98 12.00
C TRP A 336 15.84 -6.91 12.78
N GLU A 337 15.26 -8.06 13.13
CA GLU A 337 14.14 -8.06 14.08
C GLU A 337 14.62 -7.58 15.45
N LYS A 338 15.85 -7.93 15.83
CA LYS A 338 16.41 -7.41 17.07
C LYS A 338 16.80 -5.94 16.94
N ILE A 339 17.35 -5.57 15.79
CA ILE A 339 17.72 -4.18 15.54
C ILE A 339 16.50 -3.28 15.62
N VAL A 340 15.34 -3.78 15.16
CA VAL A 340 14.10 -3.02 15.29
C VAL A 340 13.70 -2.92 16.76
N MET A 341 13.96 -3.96 17.55
CA MET A 341 13.62 -3.91 18.97
C MET A 341 14.49 -2.92 19.73
N GLU A 342 15.73 -2.69 19.27
CA GLU A 342 16.56 -1.66 19.86
C GLU A 342 15.95 -0.28 19.68
N VAL A 343 15.64 0.09 18.44
CA VAL A 343 15.05 1.40 18.16
C VAL A 343 13.79 1.62 18.99
N ALA A 344 12.94 0.60 19.09
CA ALA A 344 11.71 0.73 19.88
C ALA A 344 12.02 0.92 21.35
N GLN A 345 13.02 0.19 21.88
CA GLN A 345 13.31 0.28 23.31
C GLN A 345 14.19 1.46 23.65
N LYS A 346 15.08 1.87 22.74
CA LYS A 346 15.89 3.07 22.95
C LYS A 346 15.14 4.35 22.66
N SER A 347 13.93 4.27 22.09
CA SER A 347 13.17 5.48 21.78
C SER A 347 12.67 6.15 23.04
N GLY A 348 12.41 5.39 24.10
CA GLY A 348 11.84 5.95 25.30
C GLY A 348 10.36 6.27 25.21
N ILE A 349 9.71 5.98 24.09
CA ILE A 349 8.29 6.28 23.95
C ILE A 349 7.46 5.33 24.80
N GLY A 350 7.85 4.06 24.88
CA GLY A 350 7.25 3.07 25.75
C GLY A 350 5.76 2.86 25.52
N ALA A 351 5.10 2.39 26.58
CA ALA A 351 3.66 2.12 26.57
C ALA A 351 2.92 3.45 26.73
N GLN A 352 2.86 4.19 25.62
CA GLN A 352 2.04 5.41 25.47
C GLN A 352 2.51 6.60 26.31
N PHE A 353 3.33 6.36 27.34
CA PHE A 353 3.66 7.43 28.28
C PHE A 353 5.09 7.30 28.76
N GLY A 354 6.01 7.03 27.85
CA GLY A 354 7.42 6.98 28.20
C GLY A 354 7.83 5.66 28.82
N GLY A 355 8.90 5.07 28.32
CA GLY A 355 9.42 3.83 28.87
C GLY A 355 10.06 3.00 27.79
N LYS A 356 10.29 1.73 28.12
CA LYS A 356 10.99 0.80 27.25
C LYS A 356 10.07 0.08 26.29
N TYR A 357 8.92 -0.39 26.77
CA TYR A 357 8.05 -1.29 26.00
C TYR A 357 7.13 -0.48 25.08
N PHE A 358 7.76 0.05 24.04
CA PHE A 358 7.05 0.64 22.91
C PHE A 358 6.51 -0.41 21.96
N ALA A 359 7.10 -1.60 21.95
CA ALA A 359 6.68 -2.68 21.07
C ALA A 359 6.76 -4.02 21.78
N HIS A 360 5.75 -4.86 21.58
CA HIS A 360 5.77 -6.21 22.12
C HIS A 360 6.87 -7.04 21.46
N GLN A 361 6.92 -6.99 20.13
CA GLN A 361 7.86 -7.78 19.35
C GLN A 361 7.89 -7.21 17.94
N ALA A 362 8.86 -7.68 17.15
CA ALA A 362 9.05 -7.18 15.80
C ALA A 362 9.11 -8.34 14.82
N ARG A 363 8.66 -8.08 13.60
CA ARG A 363 8.73 -9.04 12.50
C ARG A 363 9.24 -8.32 11.26
N VAL A 364 10.38 -8.76 10.75
CA VAL A 364 11.02 -8.14 9.58
C VAL A 364 11.10 -9.20 8.48
N ILE A 365 10.56 -8.88 7.31
CA ILE A 365 10.53 -9.79 6.18
C ILE A 365 11.16 -9.10 4.98
N ARG A 366 12.12 -9.77 4.35
CA ARG A 366 12.82 -9.25 3.18
C ARG A 366 12.29 -9.95 1.94
N LEU A 367 11.72 -9.18 1.02
CA LEU A 367 11.11 -9.69 -0.19
C LEU A 367 12.01 -9.46 -1.39
N PRO A 368 11.77 -10.19 -2.49
CA PRO A 368 12.41 -9.82 -3.76
C PRO A 368 11.87 -8.50 -4.27
N ARG A 369 12.53 -7.95 -5.27
CA ARG A 369 12.16 -6.63 -5.75
C ARG A 369 12.66 -6.44 -7.17
N HIS A 370 11.98 -5.55 -7.90
CA HIS A 370 12.47 -5.07 -9.17
C HIS A 370 13.79 -4.34 -8.98
N GLY A 371 14.67 -4.46 -9.98
CA GLY A 371 15.96 -3.78 -9.90
C GLY A 371 15.85 -2.27 -9.74
N ALA A 372 14.72 -1.70 -10.13
CA ALA A 372 14.47 -0.27 -9.99
C ALA A 372 13.52 0.08 -8.86
N SER A 373 12.83 -0.90 -8.29
CA SER A 373 11.84 -0.68 -7.25
C SER A 373 12.34 -1.18 -5.90
N CYS A 374 11.92 -0.51 -4.83
CA CYS A 374 12.15 -0.99 -3.47
C CYS A 374 11.08 -0.44 -2.54
N PRO A 375 9.86 -0.97 -2.64
CA PRO A 375 8.80 -0.53 -1.71
C PRO A 375 8.98 -1.18 -0.36
N VAL A 376 8.83 -0.38 0.69
CA VAL A 376 8.96 -0.86 2.06
C VAL A 376 7.63 -0.61 2.78
N GLY A 377 7.24 -1.56 3.64
CA GLY A 377 5.98 -1.48 4.32
C GLY A 377 6.09 -1.49 5.82
N LEU A 378 5.39 -0.56 6.48
CA LEU A 378 5.36 -0.45 7.93
C LEU A 378 3.91 -0.53 8.40
N ALA A 379 3.66 -1.42 9.35
CA ALA A 379 2.34 -1.53 9.94
C ALA A 379 2.49 -2.14 11.33
N VAL A 380 1.48 -1.93 12.17
CA VAL A 380 1.51 -2.42 13.54
C VAL A 380 0.20 -3.13 13.86
N SER A 381 0.26 -4.01 14.85
CA SER A 381 -0.92 -4.60 15.45
C SER A 381 -1.12 -3.94 16.80
N CYS A 382 -2.25 -3.27 16.97
CA CYS A 382 -2.48 -2.42 18.13
C CYS A 382 -2.71 -3.29 19.36
N SER A 383 -3.07 -2.65 20.49
CA SER A 383 -3.34 -3.40 21.70
C SER A 383 -4.54 -4.31 21.54
N ALA A 384 -5.46 -3.99 20.62
CA ALA A 384 -6.58 -4.86 20.30
C ALA A 384 -6.17 -5.87 19.21
N ASP A 385 -5.20 -6.71 19.58
CA ASP A 385 -4.65 -7.73 18.68
C ASP A 385 -5.69 -8.81 18.47
N ARG A 386 -6.41 -8.73 17.35
CA ARG A 386 -7.55 -9.62 17.07
C ARG A 386 -7.33 -10.33 15.73
N GLN A 387 -6.86 -11.57 15.80
CA GLN A 387 -6.80 -12.44 14.63
C GLN A 387 -7.01 -13.89 15.09
N ILE A 388 -7.64 -14.68 14.21
CA ILE A 388 -7.95 -16.07 14.50
C ILE A 388 -7.68 -16.91 13.26
N LEU A 389 -6.89 -17.96 13.41
CA LEU A 389 -6.69 -18.95 12.35
C LEU A 389 -7.77 -20.01 12.43
N ALA A 390 -8.11 -20.58 11.27
CA ALA A 390 -9.13 -21.60 11.20
C ALA A 390 -8.93 -22.41 9.92
N HIS A 391 -9.61 -23.57 9.87
CA HIS A 391 -9.60 -24.40 8.67
C HIS A 391 -10.72 -25.41 8.77
N ILE A 392 -11.26 -25.76 7.60
CA ILE A 392 -12.31 -26.78 7.47
C ILE A 392 -11.74 -27.91 6.63
N ASN A 393 -11.88 -29.14 7.12
CA ASN A 393 -11.35 -30.32 6.45
C ASN A 393 -12.39 -31.42 6.55
N LYS A 394 -11.95 -32.65 6.28
CA LYS A 394 -12.85 -33.80 6.39
C LYS A 394 -13.29 -34.06 7.82
N SER A 395 -12.54 -33.58 8.80
CA SER A 395 -12.85 -33.82 10.20
C SER A 395 -13.83 -32.81 10.78
N GLY A 396 -14.14 -31.74 10.06
CA GLY A 396 -15.07 -30.73 10.54
C GLY A 396 -14.52 -29.33 10.49
N ILE A 397 -14.95 -28.47 11.42
CA ILE A 397 -14.53 -27.08 11.49
C ILE A 397 -13.61 -26.91 12.70
N TYR A 398 -12.36 -26.56 12.44
CA TYR A 398 -11.38 -26.30 13.49
C TYR A 398 -11.07 -24.81 13.56
N ILE A 399 -11.11 -24.25 14.77
CA ILE A 399 -10.85 -22.84 15.01
C ILE A 399 -9.76 -22.72 16.07
N GLU A 400 -8.92 -21.70 15.93
CA GLU A 400 -7.79 -21.52 16.84
C GLU A 400 -8.27 -21.23 18.26
N GLN A 401 -7.65 -21.89 19.23
CA GLN A 401 -7.93 -21.61 20.64
C GLN A 401 -7.15 -20.38 21.09
N LEU A 402 -7.83 -19.46 21.75
CA LEU A 402 -7.21 -18.31 22.40
C LEU A 402 -7.20 -18.52 23.90
N GLU A 403 -6.34 -17.75 24.58
CA GLU A 403 -6.17 -17.89 26.03
C GLU A 403 -7.46 -17.46 26.73
N GLN A 404 -8.21 -18.43 27.25
CA GLN A 404 -9.50 -18.14 27.85
C GLN A 404 -9.36 -17.46 29.21
N ASN A 405 -8.30 -17.77 29.96
CA ASN A 405 -8.06 -17.16 31.26
C ASN A 405 -6.86 -16.24 31.18
N PRO A 406 -7.06 -14.93 31.04
CA PRO A 406 -5.92 -14.00 30.94
C PRO A 406 -5.37 -13.54 32.28
N ALA A 407 -6.07 -13.81 33.38
CA ALA A 407 -5.62 -13.38 34.70
C ALA A 407 -4.34 -14.08 35.14
N GLN A 408 -4.03 -15.24 34.55
CA GLN A 408 -2.81 -15.96 34.91
C GLN A 408 -1.55 -15.20 34.52
N TYR A 409 -1.66 -14.22 33.62
CA TYR A 409 -0.53 -13.38 33.24
C TYR A 409 -0.41 -12.13 34.12
N LEU A 410 -1.26 -11.99 35.14
CA LEU A 410 -1.25 -10.83 36.01
C LEU A 410 -0.70 -11.19 37.37
N PRO A 411 0.30 -10.47 37.89
CA PRO A 411 0.87 -10.76 39.22
C PRO A 411 -0.05 -10.36 40.36
N THR A 421 -0.59 9.14 44.42
CA THR A 421 0.25 9.29 43.24
C THR A 421 -0.50 9.96 42.10
N SER A 422 -1.83 9.96 42.20
CA SER A 422 -2.70 10.55 41.19
C SER A 422 -3.31 11.84 41.72
N VAL A 423 -3.49 12.82 40.83
CA VAL A 423 -4.06 14.11 41.19
C VAL A 423 -5.57 14.03 40.95
N LYS A 424 -6.34 13.87 42.02
CA LYS A 424 -7.79 13.84 41.93
C LYS A 424 -8.29 15.19 41.40
N VAL A 425 -8.93 15.16 40.24
CA VAL A 425 -9.44 16.36 39.58
C VAL A 425 -10.96 16.27 39.53
N ASP A 426 -11.63 17.31 40.05
CA ASP A 426 -13.08 17.39 40.01
C ASP A 426 -13.50 18.16 38.77
N LEU A 427 -14.29 17.50 37.90
CA LEU A 427 -14.78 18.12 36.68
C LEU A 427 -16.19 18.67 36.82
N LYS A 428 -16.74 18.66 38.04
CA LYS A 428 -18.04 19.27 38.31
C LYS A 428 -17.92 20.72 38.74
N ARG A 429 -16.71 21.26 38.80
CA ARG A 429 -16.49 22.67 39.07
C ARG A 429 -16.61 23.46 37.79
N PRO A 430 -16.71 24.79 37.86
CA PRO A 430 -16.63 25.59 36.63
C PRO A 430 -15.37 25.26 35.85
N ILE A 431 -15.50 25.28 34.52
CA ILE A 431 -14.41 24.84 33.66
C ILE A 431 -13.15 25.66 33.92
N ASP A 432 -13.33 26.98 34.11
CA ASP A 432 -12.17 27.84 34.36
C ASP A 432 -11.54 27.55 35.72
N LYS A 433 -12.33 27.09 36.69
CA LYS A 433 -11.79 26.67 37.98
C LYS A 433 -11.09 25.32 37.88
N VAL A 434 -11.45 24.50 36.88
CA VAL A 434 -10.74 23.24 36.66
C VAL A 434 -9.48 23.47 35.84
N ARG A 435 -9.51 24.45 34.92
CA ARG A 435 -8.30 24.82 34.18
C ARG A 435 -7.24 25.38 35.12
N GLN A 436 -7.66 26.09 36.16
CA GLN A 436 -6.70 26.64 37.12
C GLN A 436 -5.99 25.53 37.88
N GLN A 437 -6.72 24.46 38.23
CA GLN A 437 -6.10 23.35 38.95
C GLN A 437 -5.10 22.60 38.08
N LEU A 438 -5.43 22.40 36.80
CA LEU A 438 -4.54 21.66 35.92
C LEU A 438 -3.26 22.44 35.63
N SER A 439 -3.34 23.77 35.60
CA SER A 439 -2.17 24.59 35.34
C SER A 439 -1.16 24.55 36.47
N GLN A 440 -1.55 24.05 37.64
CA GLN A 440 -0.64 23.95 38.79
C GLN A 440 0.36 22.81 38.64
N TYR A 441 0.21 21.96 37.64
CA TYR A 441 1.01 20.75 37.51
C TYR A 441 1.71 20.72 36.15
N PRO A 442 2.89 20.12 36.08
CA PRO A 442 3.62 20.05 34.80
C PRO A 442 3.07 18.92 33.94
N VAL A 443 3.66 18.78 32.75
CA VAL A 443 3.26 17.72 31.83
C VAL A 443 3.82 16.40 32.32
N GLY A 444 3.06 15.32 32.11
CA GLY A 444 3.39 14.03 32.64
C GLY A 444 2.70 13.69 33.95
N THR A 445 1.90 14.60 34.49
CA THR A 445 1.25 14.39 35.78
C THR A 445 0.08 13.41 35.66
N ARG A 446 0.07 12.41 36.54
CA ARG A 446 -1.01 11.43 36.54
C ARG A 446 -2.27 12.04 37.12
N VAL A 447 -3.39 11.88 36.43
CA VAL A 447 -4.64 12.56 36.76
C VAL A 447 -5.76 11.53 36.82
N MET A 448 -6.67 11.71 37.78
CA MET A 448 -7.87 10.87 37.93
C MET A 448 -9.09 11.78 37.81
N LEU A 449 -9.74 11.77 36.66
CA LEU A 449 -10.90 12.62 36.42
C LEU A 449 -12.12 12.08 37.14
N ASN A 450 -12.92 13.00 37.69
CA ASN A 450 -14.18 12.68 38.37
C ASN A 450 -15.17 13.79 38.06
N GLY A 451 -16.06 13.56 37.09
CA GLY A 451 -17.03 14.58 36.76
C GLY A 451 -17.72 14.28 35.44
N THR A 452 -18.10 15.35 34.75
CA THR A 452 -18.86 15.26 33.51
C THR A 452 -17.93 15.45 32.32
N LEU A 453 -18.12 14.62 31.29
CA LEU A 453 -17.36 14.70 30.05
C LEU A 453 -18.33 14.79 28.88
N ILE A 454 -17.99 15.65 27.92
CA ILE A 454 -18.72 15.75 26.66
C ILE A 454 -17.99 14.91 25.62
N VAL A 455 -18.74 14.10 24.87
CA VAL A 455 -18.19 13.17 23.91
C VAL A 455 -18.50 13.66 22.50
N ALA A 456 -17.46 13.75 21.66
CA ALA A 456 -17.60 14.19 20.29
C ALA A 456 -16.36 13.76 19.52
N ARG A 457 -16.54 13.35 18.27
CA ARG A 457 -15.42 12.91 17.44
C ARG A 457 -15.64 13.43 16.01
N ASP A 458 -14.99 12.77 15.05
CA ASP A 458 -14.81 13.30 13.70
C ASP A 458 -16.10 13.85 13.10
N ILE A 459 -17.14 13.01 13.03
CA ILE A 459 -18.35 13.43 12.35
C ILE A 459 -19.11 14.47 13.16
N ALA A 460 -19.03 14.39 14.49
CA ALA A 460 -19.59 15.46 15.33
C ALA A 460 -18.86 16.77 15.11
N HIS A 461 -17.52 16.72 15.07
CA HIS A 461 -16.75 17.94 14.82
C HIS A 461 -17.03 18.51 13.44
N ALA A 462 -17.24 17.64 12.45
CA ALA A 462 -17.47 18.09 11.08
C ALA A 462 -18.76 18.90 10.96
N LYS A 463 -19.73 18.66 11.84
CA LYS A 463 -20.98 19.42 11.81
C LYS A 463 -20.91 20.71 12.59
N ILE A 464 -20.08 20.79 13.62
CA ILE A 464 -19.98 22.02 14.40
C ILE A 464 -19.14 23.07 13.65
N LYS A 465 -18.08 22.64 12.97
CA LYS A 465 -17.37 23.57 12.10
C LYS A 465 -18.24 23.99 10.92
N GLU A 466 -19.05 23.05 10.40
CA GLU A 466 -20.02 23.39 9.37
C GLU A 466 -21.06 24.38 9.89
N MET A 467 -21.42 24.28 11.18
CA MET A 467 -22.27 25.28 11.80
C MET A 467 -21.60 26.65 11.80
N MET A 468 -20.39 26.72 12.33
CA MET A 468 -19.66 27.98 12.45
C MET A 468 -19.27 28.56 11.09
N ASP A 469 -19.17 27.72 10.06
CA ASP A 469 -18.89 28.20 8.72
C ASP A 469 -20.10 28.81 8.03
N ASN A 470 -21.28 28.75 8.67
CA ASN A 470 -22.50 29.32 8.12
C ASN A 470 -23.11 30.41 8.99
N GLY A 471 -22.60 30.63 10.20
CA GLY A 471 -23.12 31.67 11.06
C GLY A 471 -23.48 31.19 12.45
N GLU A 472 -23.87 29.93 12.56
CA GLU A 472 -24.24 29.36 13.85
C GLU A 472 -23.05 29.41 14.81
N PRO A 473 -23.29 29.73 16.09
CA PRO A 473 -22.18 29.77 17.05
C PRO A 473 -21.79 28.39 17.54
N LEU A 474 -20.59 28.33 18.11
CA LEU A 474 -20.13 27.12 18.79
C LEU A 474 -21.12 26.73 19.87
N PRO A 475 -21.70 25.54 19.83
CA PRO A 475 -22.73 25.17 20.81
C PRO A 475 -22.24 25.26 22.24
N GLU A 476 -23.21 25.44 23.15
CA GLU A 476 -22.88 25.70 24.55
C GLU A 476 -22.24 24.48 25.22
N TYR A 477 -22.67 23.28 24.86
CA TYR A 477 -22.20 22.07 25.53
C TYR A 477 -20.69 21.85 25.34
N MET A 478 -20.10 22.44 24.31
CA MET A 478 -18.66 22.29 24.10
C MET A 478 -17.86 23.05 25.16
N LYS A 479 -18.43 24.07 25.77
CA LYS A 479 -17.70 24.96 26.67
C LYS A 479 -17.83 24.57 28.14
N THR A 480 -18.71 23.64 28.49
CA THR A 480 -18.99 23.37 29.90
C THR A 480 -18.07 22.30 30.49
N SER A 481 -17.81 21.23 29.76
CA SER A 481 -17.05 20.10 30.28
C SER A 481 -15.92 19.76 29.33
N PRO A 482 -14.90 19.03 29.80
CA PRO A 482 -13.83 18.57 28.91
C PRO A 482 -14.40 17.72 27.78
N ILE A 483 -13.78 17.84 26.61
CA ILE A 483 -14.24 17.13 25.41
C ILE A 483 -13.52 15.79 25.33
N TYR A 484 -14.31 14.72 25.35
CA TYR A 484 -13.80 13.35 25.32
C TYR A 484 -13.96 12.81 23.91
N TYR A 485 -12.86 12.73 23.17
CA TYR A 485 -12.85 12.16 21.83
C TYR A 485 -13.02 10.65 21.94
N ALA A 486 -14.25 10.16 21.78
CA ALA A 486 -14.52 8.74 21.92
C ALA A 486 -15.85 8.41 21.24
N GLY A 487 -16.19 7.13 21.26
CA GLY A 487 -17.42 6.65 20.70
C GLY A 487 -17.82 5.31 21.31
N PRO A 488 -19.08 5.21 21.76
CA PRO A 488 -19.49 4.03 22.53
C PRO A 488 -19.89 2.87 21.62
N ALA A 489 -19.54 1.66 22.07
CA ALA A 489 -20.06 0.45 21.45
C ALA A 489 -21.51 0.25 21.87
N LYS A 490 -22.12 -0.83 21.37
CA LYS A 490 -23.50 -1.11 21.74
C LYS A 490 -23.59 -1.47 23.22
N THR A 491 -24.74 -1.13 23.82
CA THR A 491 -24.90 -1.23 25.27
C THR A 491 -25.45 -2.60 25.65
N PRO A 492 -24.80 -3.31 26.56
CA PRO A 492 -25.34 -4.58 27.06
C PRO A 492 -26.60 -4.36 27.88
N GLU A 493 -27.30 -5.46 28.16
CA GLU A 493 -28.49 -5.40 28.99
C GLU A 493 -28.12 -5.10 30.43
N GLY A 494 -28.86 -4.18 31.04
CA GLY A 494 -28.60 -3.81 32.42
C GLY A 494 -27.25 -3.14 32.66
N TYR A 495 -26.62 -2.63 31.61
CA TYR A 495 -25.32 -1.98 31.71
C TYR A 495 -25.46 -0.49 31.43
N ALA A 496 -24.59 0.30 32.07
CA ALA A 496 -24.62 1.74 31.87
C ALA A 496 -24.12 2.12 30.49
N SER A 497 -23.13 1.39 29.96
CA SER A 497 -22.58 1.65 28.64
C SER A 497 -21.77 0.44 28.19
N GLY A 498 -21.59 0.33 26.88
CA GLY A 498 -20.64 -0.59 26.31
C GLY A 498 -19.24 -0.01 26.36
N SER A 499 -18.31 -0.71 25.71
CA SER A 499 -16.93 -0.24 25.66
C SER A 499 -16.87 1.18 25.11
N PHE A 500 -16.15 2.05 25.81
CA PHE A 500 -16.18 3.50 25.55
C PHE A 500 -14.77 4.08 25.69
N GLY A 501 -13.79 3.42 25.09
CA GLY A 501 -12.42 3.87 25.15
C GLY A 501 -12.19 5.08 24.28
N PRO A 502 -11.03 5.71 24.42
CA PRO A 502 -10.74 6.93 23.66
C PRO A 502 -10.40 6.62 22.21
N THR A 503 -10.38 7.67 21.40
CA THR A 503 -10.04 7.58 19.98
C THR A 503 -8.80 8.43 19.70
N THR A 504 -8.27 8.29 18.48
CA THR A 504 -7.04 8.98 18.11
C THR A 504 -7.22 10.49 18.18
N ALA A 505 -6.39 11.14 18.99
CA ALA A 505 -6.54 12.58 19.21
C ALA A 505 -6.11 13.37 17.99
N GLY A 506 -5.03 12.95 17.32
CA GLY A 506 -4.48 13.72 16.22
C GLY A 506 -5.45 13.98 15.08
N ARG A 507 -6.55 13.23 15.02
CA ARG A 507 -7.48 13.39 13.91
C ARG A 507 -8.37 14.61 14.08
N MET A 508 -8.61 15.05 15.31
CA MET A 508 -9.35 16.27 15.59
C MET A 508 -8.44 17.46 15.90
N ASP A 509 -7.19 17.40 15.48
CA ASP A 509 -6.27 18.50 15.76
C ASP A 509 -6.67 19.78 15.03
N SER A 510 -7.24 19.65 13.83
CA SER A 510 -7.60 20.80 13.02
C SER A 510 -8.73 21.62 13.62
N TYR A 511 -9.33 21.19 14.72
CA TYR A 511 -10.45 21.89 15.33
C TYR A 511 -10.12 22.59 16.63
N VAL A 512 -8.91 22.39 17.17
CA VAL A 512 -8.60 22.89 18.51
C VAL A 512 -8.57 24.42 18.52
N ASP A 513 -7.70 25.02 17.71
CA ASP A 513 -7.55 26.47 17.73
C ASP A 513 -8.83 27.18 17.35
N LEU A 514 -9.63 26.61 16.46
CA LEU A 514 -10.91 27.23 16.09
C LEU A 514 -11.89 27.17 17.24
N PHE A 515 -12.12 25.98 17.79
CA PHE A 515 -13.10 25.82 18.87
C PHE A 515 -12.66 26.57 20.12
N GLN A 516 -11.35 26.66 20.38
CA GLN A 516 -10.87 27.40 21.54
C GLN A 516 -11.06 28.90 21.36
N SER A 517 -11.01 29.39 20.13
CA SER A 517 -11.25 30.80 19.84
C SER A 517 -12.70 31.21 20.04
N HIS A 518 -13.62 30.25 20.17
CA HIS A 518 -15.04 30.56 20.32
C HIS A 518 -15.59 30.13 21.67
N GLY A 519 -14.71 29.89 22.65
CA GLY A 519 -15.14 29.69 24.02
C GLY A 519 -15.15 28.26 24.52
N GLY A 520 -14.88 27.28 23.66
CA GLY A 520 -14.95 25.89 24.07
C GLY A 520 -13.69 25.10 23.81
N SER A 521 -13.75 23.79 24.06
CA SER A 521 -12.63 22.87 23.82
C SER A 521 -11.38 23.28 24.59
N TYR A 522 -11.55 23.88 25.77
CA TYR A 522 -10.40 24.27 26.57
C TYR A 522 -9.70 23.07 27.19
N ILE A 523 -10.42 21.96 27.38
CA ILE A 523 -9.82 20.72 27.86
C ILE A 523 -10.30 19.59 26.95
N THR A 524 -9.34 18.85 26.38
CA THR A 524 -9.64 17.74 25.49
C THR A 524 -9.07 16.45 26.07
N LEU A 525 -9.78 15.34 25.87
CA LEU A 525 -9.42 14.05 26.43
C LEU A 525 -9.50 13.00 25.33
N ALA A 526 -8.36 12.40 25.00
CA ALA A 526 -8.29 11.36 23.98
C ALA A 526 -7.01 10.56 24.20
N LYS A 527 -6.57 9.84 23.17
CA LYS A 527 -5.33 9.08 23.22
C LYS A 527 -4.47 9.40 22.03
N GLY A 528 -3.17 9.29 22.22
CA GLY A 528 -2.22 9.48 21.14
C GLY A 528 -1.63 10.89 21.13
N ASN A 529 -0.40 10.99 20.64
CA ASN A 529 0.25 12.29 20.53
C ASN A 529 -0.46 13.14 19.49
N ARG A 530 -0.34 14.46 19.66
CA ARG A 530 -0.94 15.42 18.75
C ARG A 530 0.15 16.28 18.12
N SER A 531 -0.27 17.07 17.13
CA SER A 531 0.65 17.91 16.37
C SER A 531 1.05 19.13 17.18
N LYS A 532 2.08 19.83 16.68
CA LYS A 532 2.54 21.06 17.33
C LYS A 532 1.51 22.18 17.24
N GLN A 533 0.62 22.13 16.24
CA GLN A 533 -0.40 23.16 16.11
C GLN A 533 -1.38 23.17 17.28
N VAL A 534 -1.46 22.07 18.02
CA VAL A 534 -2.34 21.99 19.18
C VAL A 534 -1.67 22.52 20.43
N THR A 535 -0.40 22.18 20.65
CA THR A 535 0.33 22.74 21.78
C THR A 535 0.43 24.26 21.67
N ASP A 536 0.60 24.76 20.45
CA ASP A 536 0.58 26.21 20.23
C ASP A 536 -0.79 26.80 20.53
N ALA A 537 -1.86 26.14 20.09
CA ALA A 537 -3.21 26.63 20.35
C ALA A 537 -3.57 26.54 21.82
N CYS A 538 -3.00 25.57 22.53
CA CYS A 538 -3.30 25.42 23.97
C CYS A 538 -2.62 26.49 24.79
N LYS A 539 -1.36 26.82 24.47
CA LYS A 539 -0.67 27.89 25.19
C LYS A 539 -1.33 29.24 24.97
N LYS A 540 -1.79 29.50 23.74
CA LYS A 540 -2.40 30.79 23.42
C LYS A 540 -3.72 30.96 24.16
N HIS A 541 -4.67 30.05 23.94
CA HIS A 541 -6.00 30.14 24.52
C HIS A 541 -6.06 29.58 25.94
N GLY A 542 -4.93 29.19 26.52
CA GLY A 542 -4.91 28.65 27.87
C GLY A 542 -5.64 27.33 27.99
N GLY A 543 -5.26 26.35 27.16
CA GLY A 543 -5.96 25.09 27.10
C GLY A 543 -5.08 23.92 27.52
N PHE A 544 -5.72 22.74 27.56
CA PHE A 544 -5.07 21.51 27.97
C PHE A 544 -5.52 20.38 27.05
N TYR A 545 -4.66 19.37 26.93
CA TYR A 545 -5.01 18.12 26.25
C TYR A 545 -4.69 16.98 27.21
N LEU A 546 -5.73 16.32 27.71
CA LEU A 546 -5.58 15.20 28.62
C LEU A 546 -5.51 13.89 27.84
N GLY A 547 -4.57 13.02 28.24
CA GLY A 547 -4.38 11.77 27.54
C GLY A 547 -4.79 10.55 28.35
N SER A 548 -5.90 9.94 27.97
CA SER A 548 -6.34 8.71 28.62
C SER A 548 -5.46 7.54 28.21
N ILE A 549 -5.64 6.41 28.88
CA ILE A 549 -4.98 5.18 28.48
C ILE A 549 -5.73 4.63 27.28
N GLY A 550 -5.02 4.50 26.15
CA GLY A 550 -5.65 4.06 24.93
C GLY A 550 -5.78 2.55 24.85
N GLY A 551 -7.00 2.04 24.71
CA GLY A 551 -7.21 0.62 24.63
C GLY A 551 -8.17 0.04 25.66
N PRO A 552 -7.99 0.34 26.96
CA PRO A 552 -8.87 -0.26 27.97
C PRO A 552 -10.29 0.24 27.89
N ALA A 553 -11.02 -0.18 26.85
CA ALA A 553 -12.39 0.27 26.66
C ALA A 553 -13.37 -0.52 27.52
N ALA A 554 -13.06 -1.79 27.80
CA ALA A 554 -13.98 -2.60 28.58
C ALA A 554 -13.92 -2.26 30.06
N ILE A 555 -12.72 -2.08 30.61
CA ILE A 555 -12.60 -1.77 32.03
C ILE A 555 -13.00 -0.33 32.33
N LEU A 556 -12.96 0.56 31.34
CA LEU A 556 -13.49 1.90 31.56
C LEU A 556 -15.02 1.90 31.59
N ALA A 557 -15.65 0.98 30.87
CA ALA A 557 -17.11 0.93 30.82
C ALA A 557 -17.70 0.33 32.09
N LYS A 558 -17.08 -0.71 32.63
CA LYS A 558 -17.64 -1.38 33.79
C LYS A 558 -17.31 -0.64 35.09
N ASP A 559 -16.10 -0.11 35.21
CA ASP A 559 -15.63 0.48 36.46
C ASP A 559 -15.71 2.00 36.50
N SER A 560 -15.46 2.69 35.39
CA SER A 560 -15.32 4.14 35.41
C SER A 560 -16.53 4.90 34.91
N ILE A 561 -17.17 4.43 33.83
CA ILE A 561 -18.30 5.15 33.25
C ILE A 561 -19.59 4.66 33.91
N LYS A 562 -20.37 5.59 34.44
CA LYS A 562 -21.54 5.27 35.24
C LYS A 562 -22.86 5.68 34.62
N GLN A 563 -22.88 6.68 33.73
CA GLN A 563 -24.14 7.15 33.16
C GLN A 563 -23.85 7.81 31.82
N VAL A 564 -24.64 7.47 30.81
CA VAL A 564 -24.47 7.99 29.46
C VAL A 564 -25.80 8.56 29.00
N THR A 565 -25.75 9.71 28.33
CA THR A 565 -26.95 10.36 27.84
C THR A 565 -26.62 11.07 26.54
N CYS A 566 -27.34 10.73 25.47
CA CYS A 566 -27.16 11.43 24.21
C CYS A 566 -27.62 12.88 24.35
N LEU A 567 -26.79 13.80 23.88
CA LEU A 567 -27.03 15.23 24.05
C LEU A 567 -27.39 15.96 22.77
N ALA A 568 -26.80 15.58 21.64
CA ALA A 568 -27.05 16.27 20.38
C ALA A 568 -26.67 15.36 19.23
N PHE A 569 -27.23 15.68 18.06
CA PHE A 569 -27.00 14.93 16.84
C PHE A 569 -27.29 13.43 17.00
N PRO A 570 -28.47 13.06 17.51
CA PRO A 570 -28.75 11.64 17.75
C PRO A 570 -28.79 10.80 16.48
N GLU A 571 -28.84 11.44 15.32
CA GLU A 571 -28.84 10.73 14.03
C GLU A 571 -27.48 10.18 13.67
N LEU A 572 -26.44 10.46 14.45
CA LEU A 572 -25.07 10.10 14.11
C LEU A 572 -24.63 8.78 14.72
N GLY A 573 -25.54 8.06 15.37
CA GLY A 573 -25.17 6.77 15.95
C GLY A 573 -24.23 6.93 17.12
N MET A 574 -23.15 6.14 17.11
CA MET A 574 -22.14 6.24 18.16
C MET A 574 -21.41 7.58 18.11
N GLU A 575 -21.27 8.17 16.92
CA GLU A 575 -20.52 9.41 16.75
C GLU A 575 -21.34 10.65 17.09
N ALA A 576 -22.51 10.48 17.71
CA ALA A 576 -23.31 11.59 18.20
C ALA A 576 -22.60 12.28 19.37
N VAL A 577 -23.22 13.34 19.88
CA VAL A 577 -22.71 14.07 21.03
C VAL A 577 -23.32 13.47 22.29
N TRP A 578 -22.46 13.02 23.21
CA TRP A 578 -22.91 12.35 24.43
C TRP A 578 -22.43 13.12 25.65
N LYS A 579 -23.26 13.11 26.68
CA LYS A 579 -22.87 13.58 28.01
C LYS A 579 -22.75 12.36 28.91
N ILE A 580 -21.58 12.16 29.50
CA ILE A 580 -21.32 10.99 30.32
C ILE A 580 -20.82 11.43 31.68
N GLU A 581 -21.31 10.77 32.73
CA GLU A 581 -20.84 10.96 34.10
C GLU A 581 -19.80 9.90 34.40
N VAL A 582 -18.64 10.32 34.86
CA VAL A 582 -17.46 9.46 34.93
C VAL A 582 -16.86 9.55 36.33
N GLU A 583 -16.35 8.42 36.82
CA GLU A 583 -15.65 8.35 38.09
C GLU A 583 -14.34 7.61 37.89
N ASP A 584 -13.25 8.16 38.45
CA ASP A 584 -11.93 7.53 38.44
C ASP A 584 -11.46 7.22 37.02
N PHE A 585 -11.33 8.27 36.21
CA PHE A 585 -10.89 8.12 34.83
C PHE A 585 -9.40 8.41 34.75
N PRO A 586 -8.56 7.40 34.54
CA PRO A 586 -7.11 7.68 34.44
C PRO A 586 -6.78 8.50 33.21
N ALA A 587 -5.88 9.46 33.40
CA ALA A 587 -5.44 10.33 32.32
C ALA A 587 -4.14 11.00 32.72
N PHE A 588 -3.41 11.49 31.73
CA PHE A 588 -2.15 12.17 31.94
C PHE A 588 -2.18 13.54 31.29
N ILE A 589 -1.60 14.53 31.97
CA ILE A 589 -1.45 15.85 31.38
C ILE A 589 -0.23 15.81 30.47
N VAL A 590 -0.47 15.86 29.16
CA VAL A 590 0.59 15.79 28.16
C VAL A 590 0.82 17.13 27.49
N VAL A 591 -0.23 17.91 27.27
CA VAL A 591 -0.12 19.25 26.70
C VAL A 591 -0.81 20.22 27.65
N ASP A 592 -0.07 21.23 28.12
CA ASP A 592 -0.58 22.21 29.06
C ASP A 592 -0.76 23.56 28.36
N ASP A 593 -1.17 24.56 29.15
CA ASP A 593 -1.41 25.91 28.67
C ASP A 593 -0.13 26.76 28.62
N LYS A 594 1.04 26.15 28.81
CA LYS A 594 2.29 26.87 28.86
C LYS A 594 3.16 26.68 27.63
N GLY A 595 3.10 25.51 26.99
CA GLY A 595 3.87 25.26 25.79
C GLY A 595 4.65 23.96 25.83
N ASN A 596 4.54 23.23 26.92
CA ASN A 596 5.27 21.97 27.08
C ASN A 596 4.44 20.82 26.53
N ASP A 597 5.15 19.75 26.15
CA ASP A 597 4.51 18.55 25.60
C ASP A 597 5.30 17.36 26.10
N MET A 598 4.59 16.37 26.63
CA MET A 598 5.22 15.19 27.19
C MET A 598 5.86 14.31 26.12
N TYR A 599 5.54 14.54 24.84
CA TYR A 599 6.09 13.75 23.74
C TYR A 599 7.19 14.45 22.96
N SER A 600 7.44 15.74 23.24
CA SER A 600 8.45 16.48 22.49
C SER A 600 9.84 15.88 22.68
N LYS A 601 10.08 15.18 23.79
CA LYS A 601 11.36 14.54 24.01
C LYS A 601 11.50 13.24 23.21
N THR A 602 10.40 12.49 23.05
CA THR A 602 10.45 11.18 22.41
C THR A 602 10.10 11.20 20.93
N LEU A 603 9.21 12.11 20.49
CA LEU A 603 8.68 12.05 19.14
C LEU A 603 9.09 13.23 18.26
N ALA A 604 9.45 14.37 18.84
CA ALA A 604 9.88 15.51 18.04
C ALA A 604 11.32 15.30 17.55
N ASP B 64 -32.99 -8.69 8.48
CA ASP B 64 -32.59 -7.47 7.79
C ASP B 64 -31.17 -7.56 7.24
N PHE B 65 -30.87 -8.69 6.58
CA PHE B 65 -29.56 -8.94 6.01
C PHE B 65 -29.64 -8.94 4.49
N HIS B 66 -28.87 -8.06 3.86
CA HIS B 66 -28.72 -8.04 2.41
C HIS B 66 -27.23 -8.05 2.09
N PHE B 67 -26.79 -9.06 1.33
CA PHE B 67 -25.40 -9.13 0.92
C PHE B 67 -25.15 -8.22 -0.28
N SER B 68 -24.12 -7.39 -0.19
CA SER B 68 -23.72 -6.52 -1.29
C SER B 68 -22.21 -6.55 -1.39
N ALA B 69 -21.71 -7.17 -2.46
CA ALA B 69 -20.27 -7.21 -2.69
C ALA B 69 -19.73 -5.79 -2.91
N ILE B 70 -18.46 -5.60 -2.57
CA ILE B 70 -17.86 -4.28 -2.67
C ILE B 70 -17.74 -3.83 -4.13
N PHE B 71 -17.32 -4.73 -5.00
CA PHE B 71 -17.15 -4.44 -6.43
C PHE B 71 -18.25 -5.15 -7.21
N GLN B 72 -19.10 -4.37 -7.88
CA GLN B 72 -20.20 -4.89 -8.68
C GLN B 72 -20.09 -4.38 -10.11
N PRO B 73 -19.13 -4.90 -10.88
CA PRO B 73 -18.94 -4.40 -12.25
C PRO B 73 -20.04 -4.86 -13.18
N THR B 74 -20.51 -3.94 -14.03
CA THR B 74 -21.54 -4.27 -15.01
C THR B 74 -21.00 -5.09 -16.16
N ASP B 75 -19.70 -5.32 -16.23
CA ASP B 75 -19.09 -6.22 -17.22
C ASP B 75 -17.98 -7.00 -16.52
N PRO B 76 -18.34 -7.98 -15.69
CA PRO B 76 -17.32 -8.69 -14.91
C PRO B 76 -16.42 -9.57 -15.76
N HIS B 77 -16.95 -10.16 -16.82
CA HIS B 77 -16.17 -11.05 -17.67
C HIS B 77 -15.43 -10.31 -18.77
N HIS B 78 -15.54 -8.99 -18.81
CA HIS B 78 -14.84 -8.14 -19.78
C HIS B 78 -15.22 -8.53 -21.21
N HIS B 79 -16.52 -8.41 -21.49
CA HIS B 79 -17.01 -8.61 -22.85
C HIS B 79 -16.66 -7.44 -23.75
N GLN B 80 -16.54 -6.24 -23.19
CA GLN B 80 -16.18 -5.08 -24.00
C GLN B 80 -14.78 -5.20 -24.58
N THR B 81 -13.95 -6.10 -24.04
CA THR B 81 -12.62 -6.34 -24.56
C THR B 81 -12.67 -7.46 -25.58
N GLU B 82 -12.00 -7.25 -26.71
CA GLU B 82 -11.99 -8.21 -27.80
C GLU B 82 -10.94 -9.30 -27.54
N PHE B 83 -11.35 -10.56 -27.65
CA PHE B 83 -10.49 -11.69 -27.38
C PHE B 83 -10.23 -12.48 -28.66
N ALA B 84 -9.03 -13.06 -28.73
CA ALA B 84 -8.64 -13.99 -29.80
C ALA B 84 -8.36 -15.36 -29.18
N LYS B 85 -8.71 -16.41 -29.91
CA LYS B 85 -8.53 -17.77 -29.42
C LYS B 85 -7.22 -18.35 -29.91
N VAL B 86 -6.50 -19.00 -29.01
CA VAL B 86 -5.30 -19.74 -29.38
C VAL B 86 -5.72 -20.93 -30.25
N GLU B 87 -5.18 -20.99 -31.46
CA GLU B 87 -5.55 -22.05 -32.40
C GLU B 87 -5.20 -23.41 -31.82
N GLY B 88 -6.20 -24.28 -31.71
CA GLY B 88 -5.99 -25.61 -31.17
C GLY B 88 -5.89 -25.66 -29.67
N SER B 89 -6.56 -24.76 -28.96
CA SER B 89 -6.55 -24.77 -27.50
C SER B 89 -7.71 -25.56 -26.91
N GLU B 90 -8.72 -25.90 -27.71
CA GLU B 90 -9.86 -26.68 -27.24
C GLU B 90 -9.47 -28.08 -26.78
N LYS B 91 -8.27 -28.54 -27.12
CA LYS B 91 -7.79 -29.84 -26.67
C LYS B 91 -7.30 -29.81 -25.22
N TYR B 92 -7.04 -28.63 -24.67
CA TYR B 92 -6.58 -28.49 -23.29
C TYR B 92 -7.73 -28.39 -22.30
N VAL B 93 -8.97 -28.38 -22.76
CA VAL B 93 -10.14 -28.27 -21.90
C VAL B 93 -11.09 -29.41 -22.19
N GLU B 94 -11.97 -29.68 -21.23
CA GLU B 94 -13.01 -30.68 -21.41
C GLU B 94 -14.16 -30.35 -20.47
N GLU B 95 -15.32 -29.99 -21.02
CA GLU B 95 -16.50 -29.72 -20.20
C GLU B 95 -17.09 -31.02 -19.70
N VAL B 96 -17.27 -31.12 -18.38
CA VAL B 96 -17.86 -32.29 -17.74
C VAL B 96 -18.99 -31.83 -16.83
N GLU B 97 -19.72 -32.80 -16.29
CA GLU B 97 -20.83 -32.55 -15.39
C GLU B 97 -20.66 -33.44 -14.17
N VAL B 98 -20.49 -32.83 -13.01
CA VAL B 98 -20.24 -33.55 -11.76
C VAL B 98 -21.27 -33.11 -10.73
N PHE B 99 -21.95 -34.08 -10.13
CA PHE B 99 -23.00 -33.83 -9.13
C PHE B 99 -24.01 -32.82 -9.66
N GLY B 100 -24.38 -32.97 -10.94
CA GLY B 100 -25.36 -32.14 -11.59
C GLY B 100 -24.87 -30.79 -12.04
N ARG B 101 -23.75 -30.30 -11.51
CA ARG B 101 -23.22 -28.99 -11.87
C ARG B 101 -22.10 -29.15 -12.89
N GLN B 102 -22.00 -28.17 -13.80
CA GLN B 102 -21.04 -28.24 -14.89
C GLN B 102 -19.67 -27.81 -14.44
N ALA B 103 -18.67 -28.67 -14.67
CA ALA B 103 -17.28 -28.42 -14.33
C ALA B 103 -16.44 -28.37 -15.60
N LEU B 104 -15.15 -28.06 -15.46
CA LEU B 104 -14.25 -27.91 -16.59
C LEU B 104 -12.87 -28.44 -16.24
N LYS B 105 -12.49 -29.57 -16.83
CA LYS B 105 -11.15 -30.12 -16.66
C LYS B 105 -10.19 -29.38 -17.56
N VAL B 106 -9.30 -28.58 -16.97
CA VAL B 106 -8.33 -27.78 -17.72
C VAL B 106 -6.95 -28.40 -17.55
N ASN B 107 -6.31 -28.71 -18.66
CA ASN B 107 -4.92 -29.14 -18.66
C ASN B 107 -4.04 -28.01 -18.14
N PRO B 108 -3.24 -28.22 -17.10
CA PRO B 108 -2.39 -27.14 -16.59
C PRO B 108 -1.37 -26.63 -17.59
N GLU B 109 -1.09 -27.39 -18.66
CA GLU B 109 -0.22 -26.88 -19.71
C GLU B 109 -0.85 -25.70 -20.44
N ALA B 110 -2.18 -25.58 -20.41
CA ALA B 110 -2.84 -24.43 -21.01
C ALA B 110 -2.48 -23.15 -20.26
N LEU B 111 -2.18 -23.26 -18.97
CA LEU B 111 -1.71 -22.10 -18.21
C LEU B 111 -0.35 -21.64 -18.71
N THR B 112 0.50 -22.58 -19.12
CA THR B 112 1.81 -22.21 -19.63
C THR B 112 1.69 -21.50 -20.98
N ILE B 113 0.84 -22.02 -21.87
CA ILE B 113 0.71 -21.40 -23.19
C ILE B 113 0.14 -19.99 -23.07
N LEU B 114 -0.88 -19.83 -22.23
CA LEU B 114 -1.52 -18.51 -22.10
C LEU B 114 -0.56 -17.48 -21.55
N ALA B 115 0.15 -17.81 -20.47
CA ALA B 115 1.10 -16.86 -19.89
C ALA B 115 2.24 -16.57 -20.85
N HIS B 116 2.68 -17.58 -21.61
CA HIS B 116 3.72 -17.36 -22.61
C HIS B 116 3.25 -16.37 -23.67
N ARG B 117 2.08 -16.65 -24.27
CA ARG B 117 1.56 -15.76 -25.31
C ARG B 117 1.28 -14.37 -24.76
N ALA B 118 0.80 -14.28 -23.51
CA ALA B 118 0.45 -12.99 -22.93
C ALA B 118 1.68 -12.13 -22.72
N PHE B 119 2.67 -12.64 -21.99
CA PHE B 119 3.87 -11.88 -21.70
C PHE B 119 4.81 -11.77 -22.89
N SER B 120 4.44 -12.32 -24.05
CA SER B 120 5.20 -12.12 -25.28
C SER B 120 4.61 -10.99 -26.12
N ASP B 121 3.35 -11.10 -26.51
CA ASP B 121 2.72 -10.11 -27.38
C ASP B 121 2.42 -8.79 -26.67
N VAL B 122 2.54 -8.73 -25.34
CA VAL B 122 2.22 -7.49 -24.64
C VAL B 122 3.38 -6.50 -24.68
N HIS B 123 4.61 -6.98 -24.91
CA HIS B 123 5.74 -6.09 -25.05
C HIS B 123 5.88 -5.54 -26.46
N HIS B 124 4.97 -5.88 -27.36
CA HIS B 124 5.02 -5.41 -28.74
C HIS B 124 3.79 -4.64 -29.19
N PHE B 125 2.68 -4.74 -28.46
CA PHE B 125 1.43 -4.10 -28.87
C PHE B 125 0.81 -3.42 -27.66
N PHE B 126 -0.15 -2.52 -27.94
CA PHE B 126 -0.87 -1.79 -26.91
C PHE B 126 -2.36 -1.81 -27.21
N ARG B 127 -3.15 -1.39 -26.21
CA ARG B 127 -4.58 -1.29 -26.36
C ARG B 127 -4.93 -0.11 -27.26
N LYS B 128 -6.23 0.06 -27.52
CA LYS B 128 -6.67 1.19 -28.34
C LYS B 128 -6.62 2.50 -27.56
N ASP B 129 -7.11 2.50 -26.31
CA ASP B 129 -7.17 3.72 -25.52
C ASP B 129 -5.79 4.25 -25.14
N HIS B 130 -4.76 3.39 -25.16
CA HIS B 130 -3.40 3.87 -24.93
C HIS B 130 -2.82 4.51 -26.19
N LEU B 131 -3.15 3.95 -27.36
CA LEU B 131 -2.75 4.57 -28.61
C LEU B 131 -3.66 5.73 -28.99
N GLU B 132 -4.94 5.66 -28.61
CA GLU B 132 -5.85 6.78 -28.83
C GLU B 132 -5.49 7.99 -28.00
N GLY B 133 -4.64 7.83 -26.98
CA GLY B 133 -4.20 8.94 -26.17
C GLY B 133 -2.98 9.64 -26.73
N TRP B 134 -2.13 8.90 -27.44
CA TRP B 134 -0.99 9.51 -28.11
C TRP B 134 -1.44 10.26 -29.36
N ARG B 135 -2.31 9.65 -30.15
CA ARG B 135 -2.84 10.31 -31.34
C ARG B 135 -3.58 11.59 -30.96
N ARG B 136 -4.34 11.55 -29.85
CA ARG B 136 -5.01 12.73 -29.36
C ARG B 136 -4.03 13.81 -28.95
N ALA B 137 -2.87 13.41 -28.41
CA ALA B 137 -1.85 14.37 -28.01
C ALA B 137 -1.13 15.00 -29.19
N ILE B 138 -1.15 14.35 -30.35
CA ILE B 138 -0.48 14.89 -31.53
C ILE B 138 -1.39 15.85 -32.29
N GLU B 139 -2.68 15.54 -32.39
CA GLU B 139 -3.61 16.33 -33.18
C GLU B 139 -4.20 17.51 -32.43
N ASP B 140 -4.20 17.48 -31.11
CA ASP B 140 -4.83 18.54 -30.33
C ASP B 140 -4.09 19.87 -30.54
N PRO B 141 -4.79 20.93 -30.94
CA PRO B 141 -4.10 22.23 -31.08
C PRO B 141 -3.52 22.75 -29.78
N GLU B 142 -4.18 22.49 -28.65
CA GLU B 142 -3.69 22.99 -27.36
C GLU B 142 -2.43 22.28 -26.89
N ALA B 143 -1.97 21.25 -27.60
CA ALA B 143 -0.75 20.55 -27.20
C ALA B 143 0.48 21.33 -27.65
N SER B 144 1.46 21.42 -26.77
CA SER B 144 2.70 22.12 -27.07
C SER B 144 3.48 21.37 -28.15
N ASP B 145 4.48 22.05 -28.71
CA ASP B 145 5.35 21.41 -29.69
C ASP B 145 6.12 20.26 -29.08
N ASN B 146 6.37 20.32 -27.76
CA ASN B 146 7.00 19.19 -27.08
C ASN B 146 6.02 18.06 -26.83
N ASP B 147 4.75 18.38 -26.57
CA ASP B 147 3.73 17.34 -26.42
C ASP B 147 3.62 16.51 -27.70
N ARG B 148 3.60 17.18 -28.86
CA ARG B 148 3.54 16.47 -30.12
C ARG B 148 4.82 15.67 -30.36
N TYR B 149 5.96 16.20 -29.93
CA TYR B 149 7.24 15.55 -30.19
C TYR B 149 7.36 14.25 -29.40
N VAL B 150 7.01 14.27 -28.11
CA VAL B 150 7.11 13.07 -27.29
C VAL B 150 6.08 12.04 -27.75
N ALA B 151 4.83 12.47 -27.94
CA ALA B 151 3.80 11.53 -28.38
C ALA B 151 4.12 10.91 -29.73
N THR B 152 4.76 11.66 -30.62
CA THR B 152 5.16 11.11 -31.91
C THR B 152 6.31 10.12 -31.76
N THR B 153 7.31 10.47 -30.94
CA THR B 153 8.44 9.57 -30.73
C THR B 153 8.01 8.29 -30.04
N LEU B 154 7.06 8.38 -29.12
CA LEU B 154 6.51 7.18 -28.47
C LEU B 154 5.69 6.35 -29.46
N LEU B 155 4.78 7.01 -30.19
CA LEU B 155 3.97 6.30 -31.17
C LEU B 155 4.83 5.68 -32.26
N LYS B 156 5.93 6.33 -32.63
CA LYS B 156 6.87 5.73 -33.57
C LYS B 156 7.57 4.54 -32.94
N ASN B 157 7.86 4.62 -31.64
CA ASN B 157 8.51 3.50 -30.94
C ASN B 157 7.63 2.26 -30.95
N ALA B 158 6.31 2.44 -30.97
CA ALA B 158 5.41 1.29 -31.03
C ALA B 158 5.52 0.57 -32.37
N CYS B 159 5.80 1.31 -33.45
CA CYS B 159 5.93 0.67 -34.76
C CYS B 159 7.16 -0.24 -34.81
N ILE B 160 8.27 0.21 -34.22
CA ILE B 160 9.46 -0.63 -34.12
C ILE B 160 9.18 -1.84 -33.24
N ALA B 161 8.42 -1.64 -32.16
CA ALA B 161 8.12 -2.72 -31.23
C ALA B 161 7.11 -3.70 -31.82
N ALA B 162 6.14 -3.20 -32.61
CA ALA B 162 5.16 -4.09 -33.22
C ALA B 162 5.80 -5.08 -34.18
N GLY B 163 7.04 -4.84 -34.61
CA GLY B 163 7.77 -5.78 -35.43
C GLY B 163 8.14 -7.08 -34.74
N ARG B 164 7.85 -7.21 -33.45
CA ARG B 164 8.01 -8.42 -32.65
C ARG B 164 9.47 -8.78 -32.40
N VAL B 165 10.41 -7.93 -32.81
CA VAL B 165 11.83 -8.16 -32.56
C VAL B 165 12.31 -7.44 -31.32
N LEU B 166 11.83 -6.22 -31.10
CA LEU B 166 12.27 -5.42 -29.97
C LEU B 166 11.11 -5.19 -29.01
N PRO B 167 11.37 -5.23 -27.70
CA PRO B 167 10.31 -4.89 -26.74
C PRO B 167 9.98 -3.40 -26.79
N SER B 168 8.79 -3.07 -26.29
CA SER B 168 8.35 -1.68 -26.30
C SER B 168 9.20 -0.82 -25.38
N CYS B 169 9.72 -1.40 -24.30
CA CYS B 169 10.56 -0.69 -23.35
C CYS B 169 11.64 -1.62 -22.84
N GLN B 170 12.78 -1.04 -22.45
CA GLN B 170 13.87 -1.86 -21.92
C GLN B 170 13.51 -2.49 -20.59
N ASP B 171 12.59 -1.89 -19.85
CA ASP B 171 12.13 -2.44 -18.57
C ASP B 171 10.93 -3.33 -18.85
N THR B 172 11.21 -4.61 -19.13
CA THR B 172 10.16 -5.58 -19.43
C THR B 172 9.26 -5.86 -18.24
N GLY B 173 9.56 -5.29 -17.07
CA GLY B 173 8.61 -5.22 -15.98
C GLY B 173 8.48 -6.52 -15.20
N THR B 174 7.93 -6.38 -13.99
CA THR B 174 7.62 -7.52 -13.15
C THR B 174 6.38 -8.24 -13.68
N ALA B 175 6.42 -9.57 -13.69
CA ALA B 175 5.31 -10.38 -14.16
C ALA B 175 4.25 -10.45 -13.08
N ILE B 176 3.08 -9.84 -13.33
CA ILE B 176 1.98 -9.81 -12.38
C ILE B 176 0.80 -10.52 -13.03
N VAL B 177 0.18 -11.43 -12.28
CA VAL B 177 -0.95 -12.21 -12.77
C VAL B 177 -2.07 -12.16 -11.74
N LEU B 178 -3.25 -11.71 -12.17
CA LEU B 178 -4.47 -11.77 -11.36
C LEU B 178 -5.33 -12.87 -11.96
N GLY B 179 -5.29 -14.05 -11.34
CA GLY B 179 -6.07 -15.18 -11.80
C GLY B 179 -7.30 -15.38 -10.94
N LYS B 180 -8.38 -15.84 -11.58
CA LYS B 180 -9.65 -16.09 -10.91
C LYS B 180 -10.11 -17.48 -11.34
N ARG B 181 -9.71 -18.49 -10.57
CA ARG B 181 -10.08 -19.87 -10.86
C ARG B 181 -11.47 -20.17 -10.32
N GLY B 182 -12.32 -20.73 -11.18
CA GLY B 182 -13.66 -21.08 -10.76
C GLY B 182 -13.67 -22.21 -9.73
N GLU B 183 -14.76 -22.28 -8.98
CA GLU B 183 -14.93 -23.36 -8.02
C GLU B 183 -14.83 -24.72 -8.69
N LEU B 184 -15.30 -24.83 -9.94
CA LEU B 184 -15.32 -26.09 -10.66
C LEU B 184 -14.32 -26.10 -11.83
N CYS B 185 -13.34 -25.21 -11.79
CA CYS B 185 -12.24 -25.22 -12.74
C CYS B 185 -11.09 -26.01 -12.14
N TRP B 186 -10.70 -27.10 -12.80
CA TRP B 186 -9.72 -28.04 -12.25
C TRP B 186 -8.45 -28.02 -13.11
N THR B 187 -7.32 -27.78 -12.46
CA THR B 187 -6.04 -27.69 -13.14
C THR B 187 -4.98 -28.64 -12.58
N GLY B 188 -5.20 -29.25 -11.43
CA GLY B 188 -4.20 -30.07 -10.79
C GLY B 188 -3.54 -29.42 -9.59
N GLY B 189 -3.82 -28.15 -9.33
CA GLY B 189 -3.27 -27.44 -8.20
C GLY B 189 -1.96 -26.74 -8.47
N GLU B 190 -1.25 -27.10 -9.54
CA GLU B 190 0.04 -26.51 -9.86
C GLU B 190 -0.10 -25.26 -10.72
N ASP B 191 -1.09 -24.41 -10.43
CA ASP B 191 -1.31 -23.24 -11.27
C ASP B 191 -0.12 -22.30 -11.23
N GLU B 192 0.47 -22.10 -10.05
CA GLU B 192 1.59 -21.17 -9.94
C GLU B 192 2.81 -21.68 -10.71
N LYS B 193 3.09 -22.99 -10.63
CA LYS B 193 4.25 -23.54 -11.30
C LYS B 193 4.12 -23.42 -12.81
N TYR B 194 2.95 -23.76 -13.35
CA TYR B 194 2.76 -23.71 -14.80
C TYR B 194 2.68 -22.27 -15.30
N LEU B 195 2.07 -21.38 -14.51
CA LEU B 195 2.07 -19.97 -14.90
C LEU B 195 3.49 -19.40 -14.88
N SER B 196 4.30 -19.81 -13.90
CA SER B 196 5.68 -19.34 -13.86
C SER B 196 6.51 -19.90 -15.00
N LYS B 197 6.22 -21.13 -15.43
CA LYS B 197 6.95 -21.71 -16.56
C LYS B 197 6.63 -20.96 -17.85
N GLY B 198 5.38 -20.53 -18.02
CA GLY B 198 5.04 -19.73 -19.18
C GLY B 198 5.73 -18.38 -19.17
N ILE B 199 5.86 -17.77 -18.00
CA ILE B 199 6.61 -16.53 -17.86
C ILE B 199 8.09 -16.80 -18.09
N TRP B 200 8.59 -17.94 -17.59
CA TRP B 200 9.99 -18.30 -17.81
C TRP B 200 10.30 -18.44 -19.29
N ASN B 201 9.38 -19.05 -20.05
CA ASN B 201 9.58 -19.17 -21.49
C ASN B 201 9.55 -17.81 -22.18
N ALA B 202 8.70 -16.90 -21.68
CA ALA B 202 8.53 -15.63 -22.36
C ALA B 202 9.79 -14.77 -22.27
N TYR B 203 10.41 -14.71 -21.10
CA TYR B 203 11.56 -13.84 -20.90
C TYR B 203 12.88 -14.52 -21.26
N ARG B 204 12.91 -15.84 -21.37
CA ARG B 204 14.15 -16.53 -21.74
C ARG B 204 14.32 -16.64 -23.26
N TYR B 205 13.22 -16.87 -23.98
CA TYR B 205 13.29 -17.11 -25.42
C TYR B 205 12.91 -15.89 -26.25
N HIS B 206 12.77 -14.72 -25.62
CA HIS B 206 12.52 -13.47 -26.32
C HIS B 206 13.56 -12.46 -25.90
N ASN B 207 13.63 -11.35 -26.62
CA ASN B 207 14.63 -10.31 -26.36
C ASN B 207 14.20 -9.39 -25.23
N LEU B 208 13.78 -9.98 -24.11
CA LEU B 208 13.31 -9.22 -22.96
C LEU B 208 14.46 -8.99 -21.99
N ALA B 209 14.15 -8.61 -20.75
CA ALA B 209 15.17 -8.28 -19.76
C ALA B 209 14.81 -8.90 -18.43
N TYR B 210 15.83 -9.40 -17.71
CA TYR B 210 15.65 -10.03 -16.41
C TYR B 210 15.73 -8.95 -15.34
N SER B 211 14.58 -8.59 -14.78
CA SER B 211 14.47 -7.39 -13.94
C SER B 211 14.39 -7.69 -12.46
N GLN B 212 14.32 -8.96 -12.06
CA GLN B 212 14.12 -9.30 -10.66
C GLN B 212 15.45 -9.41 -9.93
N THR B 213 15.48 -8.91 -8.69
CA THR B 213 16.67 -8.90 -7.85
C THR B 213 16.40 -9.75 -6.60
N ALA B 214 17.17 -10.84 -6.45
CA ALA B 214 17.04 -11.70 -5.29
C ALA B 214 17.81 -11.13 -4.10
N ALA B 215 17.39 -11.53 -2.91
CA ALA B 215 18.00 -11.08 -1.65
C ALA B 215 18.63 -12.27 -0.95
N LEU B 216 19.96 -12.37 -1.02
CA LEU B 216 20.66 -13.44 -0.32
C LEU B 216 20.65 -13.19 1.18
N ASP B 217 20.80 -11.94 1.60
CA ASP B 217 20.52 -11.53 2.98
C ASP B 217 19.82 -10.18 2.90
N MET B 218 19.83 -9.44 4.01
CA MET B 218 19.14 -8.15 4.04
C MET B 218 19.69 -7.17 3.00
N PHE B 219 20.97 -7.30 2.66
CA PHE B 219 21.58 -6.35 1.73
C PHE B 219 22.25 -6.99 0.53
N LYS B 220 22.89 -8.15 0.71
CA LYS B 220 23.52 -8.82 -0.42
C LYS B 220 22.46 -9.27 -1.41
N GLU B 221 22.64 -8.91 -2.68
CA GLU B 221 21.64 -9.17 -3.70
C GLU B 221 22.29 -9.79 -4.94
N CYS B 222 21.44 -10.36 -5.78
CA CYS B 222 21.84 -10.89 -7.07
C CYS B 222 20.60 -10.98 -7.95
N ASN B 223 20.82 -11.04 -9.26
CA ASN B 223 19.71 -11.18 -10.18
C ASN B 223 19.31 -12.65 -10.30
N THR B 224 18.05 -12.87 -10.67
CA THR B 224 17.53 -14.22 -10.81
C THR B 224 17.80 -14.82 -12.19
N GLY B 225 17.95 -13.97 -13.21
CA GLY B 225 18.28 -14.44 -14.54
C GLY B 225 17.13 -14.98 -15.35
N ASP B 226 15.89 -14.87 -14.85
CA ASP B 226 14.74 -15.36 -15.58
C ASP B 226 13.55 -14.43 -15.36
N ASN B 227 13.70 -13.34 -14.67
CA ASN B 227 12.56 -12.48 -14.42
C ASN B 227 11.53 -13.15 -13.59
N LEU B 228 11.97 -14.03 -12.73
CA LEU B 228 11.12 -14.67 -11.75
C LEU B 228 11.65 -14.20 -10.39
N PRO B 229 10.83 -14.26 -9.33
CA PRO B 229 9.45 -14.77 -9.22
C PRO B 229 8.41 -13.81 -9.77
N ALA B 230 7.22 -14.33 -10.04
CA ALA B 230 6.10 -13.53 -10.49
C ALA B 230 5.12 -13.30 -9.34
N GLN B 231 4.38 -12.19 -9.45
CA GLN B 231 3.30 -11.91 -8.49
C GLN B 231 2.10 -12.73 -8.92
N LEU B 232 1.87 -13.86 -8.24
CA LEU B 232 0.81 -14.79 -8.59
C LEU B 232 -0.31 -14.66 -7.57
N ASP B 233 -1.33 -13.88 -7.92
N ASP B 233 -1.32 -13.86 -7.92
CA ASP B 233 -2.49 -13.65 -7.07
CA ASP B 233 -2.50 -13.65 -7.08
C ASP B 233 -3.66 -14.44 -7.65
C ASP B 233 -3.64 -14.46 -7.67
N LEU B 234 -3.91 -15.62 -7.08
CA LEU B 234 -4.94 -16.52 -7.57
C LEU B 234 -6.14 -16.46 -6.63
N LEU B 235 -7.28 -16.01 -7.15
CA LEU B 235 -8.48 -15.82 -6.36
C LEU B 235 -9.48 -16.95 -6.62
N ALA B 236 -10.33 -17.22 -5.64
CA ALA B 236 -11.36 -18.24 -5.74
C ALA B 236 -12.69 -17.59 -6.10
N VAL B 237 -13.25 -17.99 -7.24
CA VAL B 237 -14.49 -17.39 -7.73
C VAL B 237 -15.47 -18.51 -8.06
N PRO B 238 -16.77 -18.19 -8.10
CA PRO B 238 -17.76 -19.21 -8.51
C PRO B 238 -17.58 -19.59 -9.97
N GLY B 239 -18.24 -20.67 -10.36
CA GLY B 239 -18.24 -21.08 -11.74
C GLY B 239 -17.17 -22.09 -12.09
N SER B 240 -16.99 -22.28 -13.40
CA SER B 240 -16.02 -23.22 -13.93
C SER B 240 -14.99 -22.57 -14.85
N ASP B 241 -15.03 -21.26 -15.04
CA ASP B 241 -14.08 -20.58 -15.90
C ASP B 241 -12.87 -20.08 -15.11
N TYR B 242 -11.79 -19.84 -15.84
CA TYR B 242 -10.53 -19.37 -15.28
C TYR B 242 -10.18 -18.07 -16.01
N GLU B 243 -10.40 -16.94 -15.35
CA GLU B 243 -10.20 -15.63 -15.96
C GLU B 243 -8.92 -14.99 -15.44
N PHE B 244 -8.27 -14.21 -16.30
CA PHE B 244 -6.93 -13.72 -16.03
C PHE B 244 -6.81 -12.23 -16.33
N LEU B 245 -5.79 -11.61 -15.74
CA LEU B 245 -5.30 -10.30 -16.13
C LEU B 245 -3.78 -10.31 -15.98
N PHE B 246 -3.08 -10.33 -17.12
CA PHE B 246 -1.62 -10.39 -17.12
C PHE B 246 -1.06 -8.98 -17.22
N ILE B 247 -0.15 -8.64 -16.30
CA ILE B 247 0.41 -7.29 -16.21
C ILE B 247 1.92 -7.39 -16.27
N ALA B 248 2.55 -6.52 -17.05
CA ALA B 248 3.99 -6.34 -17.07
C ALA B 248 4.27 -4.95 -16.52
N LYS B 249 4.24 -4.82 -15.20
CA LYS B 249 4.38 -3.54 -14.54
C LYS B 249 5.85 -3.11 -14.52
N GLY B 250 6.16 -2.02 -15.20
CA GLY B 250 7.50 -1.48 -15.19
C GLY B 250 7.88 -0.95 -13.82
N GLY B 251 9.19 -0.73 -13.66
CA GLY B 251 9.67 -0.22 -12.38
C GLY B 251 9.21 1.20 -12.09
N GLY B 252 9.28 2.08 -13.09
CA GLY B 252 8.94 3.47 -12.87
C GLY B 252 7.50 3.66 -12.44
N SER B 253 6.57 3.00 -13.13
CA SER B 253 5.16 3.12 -12.76
C SER B 253 4.88 2.45 -11.43
N ALA B 254 5.56 1.33 -11.16
CA ALA B 254 5.38 0.64 -9.88
C ALA B 254 5.94 1.43 -8.72
N ASN B 255 6.92 2.31 -8.97
CA ASN B 255 7.45 3.18 -7.93
C ASN B 255 6.58 4.40 -7.67
N LYS B 256 5.63 4.71 -8.55
CA LYS B 256 4.68 5.80 -8.35
C LYS B 256 3.35 5.31 -7.78
N ALA B 257 3.37 4.23 -7.02
CA ALA B 257 2.20 3.77 -6.26
C ALA B 257 2.36 4.32 -4.85
N TYR B 258 1.46 5.22 -4.46
CA TYR B 258 1.58 5.96 -3.22
C TYR B 258 0.37 5.70 -2.34
N LEU B 259 0.64 5.48 -1.05
CA LEU B 259 -0.41 5.25 -0.05
C LEU B 259 -0.37 6.40 0.95
N TYR B 260 -1.46 7.14 1.04
CA TYR B 260 -1.61 8.22 2.01
C TYR B 260 -2.70 7.86 3.00
N GLN B 261 -2.42 8.06 4.29
CA GLN B 261 -3.41 7.86 5.35
C GLN B 261 -3.98 9.22 5.71
N GLU B 262 -5.15 9.54 5.16
CA GLU B 262 -5.78 10.83 5.36
C GLU B 262 -6.91 10.72 6.38
N THR B 263 -7.63 11.82 6.57
CA THR B 263 -8.65 11.92 7.61
C THR B 263 -9.99 12.35 6.99
N LYS B 264 -10.98 12.55 7.86
CA LYS B 264 -12.29 13.05 7.42
C LYS B 264 -12.18 14.46 6.84
N ALA B 265 -11.22 15.25 7.32
CA ALA B 265 -11.07 16.63 6.86
C ALA B 265 -10.70 16.72 5.38
N LEU B 266 -10.33 15.61 4.75
CA LEU B 266 -10.05 15.61 3.32
C LEU B 266 -11.34 15.57 2.49
N LEU B 267 -12.42 15.03 3.06
CA LEU B 267 -13.64 14.76 2.29
C LEU B 267 -14.48 16.03 2.18
N ASN B 268 -14.04 16.90 1.26
CA ASN B 268 -14.81 18.06 0.82
C ASN B 268 -14.20 18.55 -0.47
N PRO B 269 -15.00 19.12 -1.37
CA PRO B 269 -14.48 19.47 -2.71
C PRO B 269 -13.35 20.49 -2.70
N LYS B 270 -13.25 21.31 -1.65
CA LYS B 270 -12.15 22.28 -1.58
C LYS B 270 -10.83 21.59 -1.27
N SER B 271 -10.81 20.78 -0.21
CA SER B 271 -9.57 20.08 0.17
C SER B 271 -9.16 19.06 -0.87
N LEU B 272 -10.11 18.28 -1.39
CA LEU B 272 -9.79 17.19 -2.29
C LEU B 272 -9.20 17.68 -3.61
N ARG B 273 -9.74 18.78 -4.15
CA ARG B 273 -9.20 19.30 -5.40
C ARG B 273 -7.77 19.80 -5.22
N ALA B 274 -7.51 20.54 -4.13
CA ALA B 274 -6.16 20.98 -3.84
C ALA B 274 -5.25 19.82 -3.46
N PHE B 275 -5.80 18.79 -2.82
CA PHE B 275 -5.02 17.59 -2.52
C PHE B 275 -4.54 16.91 -3.80
N ILE B 276 -5.42 16.79 -4.80
CA ILE B 276 -5.02 16.19 -6.07
C ILE B 276 -3.98 17.06 -6.76
N GLU B 277 -4.20 18.37 -6.78
CA GLU B 277 -3.21 19.30 -7.31
C GLU B 277 -1.85 19.10 -6.64
N GLU B 278 -1.85 18.90 -5.32
CA GLU B 278 -0.60 18.76 -4.58
C GLU B 278 0.11 17.44 -4.93
N LYS B 279 -0.61 16.33 -4.84
CA LYS B 279 0.03 15.03 -4.95
C LYS B 279 0.43 14.70 -6.38
N LEU B 280 -0.30 15.21 -7.37
CA LEU B 280 0.04 14.94 -8.76
C LEU B 280 1.41 15.50 -9.12
N LYS B 281 1.82 16.59 -8.48
CA LYS B 281 3.15 17.13 -8.72
C LYS B 281 4.24 16.15 -8.29
N THR B 282 3.96 15.32 -7.28
CA THR B 282 4.95 14.36 -6.81
C THR B 282 5.20 13.27 -7.84
N LEU B 283 4.20 12.95 -8.67
CA LEU B 283 4.41 11.99 -9.74
C LEU B 283 5.48 12.47 -10.72
N GLY B 284 5.50 13.77 -11.00
CA GLY B 284 6.50 14.34 -11.87
C GLY B 284 6.49 13.70 -13.25
N THR B 285 7.65 13.72 -13.89
CA THR B 285 7.84 13.07 -15.18
C THR B 285 8.72 11.82 -15.06
N ALA B 286 8.99 11.37 -13.83
CA ALA B 286 9.87 10.24 -13.60
C ALA B 286 9.24 8.90 -13.96
N ALA B 287 7.94 8.86 -14.24
CA ALA B 287 7.27 7.61 -14.61
C ALA B 287 6.87 7.60 -16.08
N CYS B 288 7.53 8.39 -16.91
CA CYS B 288 7.32 8.45 -18.36
C CYS B 288 5.87 8.76 -18.71
N PRO B 289 5.41 9.99 -18.50
CA PRO B 289 4.05 10.36 -18.92
C PRO B 289 3.94 10.39 -20.43
N PRO B 290 2.72 10.50 -20.99
CA PRO B 290 1.39 10.63 -20.36
C PRO B 290 0.97 9.40 -19.57
N TYR B 291 0.41 9.63 -18.39
CA TYR B 291 -0.01 8.57 -17.50
C TYR B 291 -1.45 8.15 -17.75
N HIS B 292 -1.80 6.98 -17.20
CA HIS B 292 -3.18 6.61 -16.94
C HIS B 292 -3.37 6.79 -15.44
N ILE B 293 -3.68 8.02 -15.03
CA ILE B 293 -3.72 8.34 -13.61
C ILE B 293 -4.91 7.63 -12.97
N ALA B 294 -4.66 6.96 -11.85
CA ALA B 294 -5.70 6.27 -11.09
C ALA B 294 -5.70 6.77 -9.65
N LEU B 295 -6.89 7.00 -9.12
CA LEU B 295 -7.05 7.50 -7.77
C LEU B 295 -8.18 6.75 -7.08
N VAL B 296 -7.90 6.22 -5.89
CA VAL B 296 -8.88 5.49 -5.10
C VAL B 296 -9.05 6.19 -3.77
N ILE B 297 -10.30 6.51 -3.42
CA ILE B 297 -10.64 7.19 -2.17
C ILE B 297 -11.38 6.19 -1.30
N GLY B 298 -10.76 5.79 -0.20
CA GLY B 298 -11.35 4.83 0.71
C GLY B 298 -10.75 3.45 0.53
N GLY B 299 -11.35 2.50 1.24
CA GLY B 299 -10.94 1.11 1.18
C GLY B 299 -11.07 0.46 2.55
N THR B 300 -11.15 -0.87 2.54
CA THR B 300 -11.21 -1.62 3.79
C THR B 300 -9.85 -1.77 4.44
N SER B 301 -8.77 -1.55 3.70
CA SER B 301 -7.42 -1.60 4.25
C SER B 301 -6.47 -0.93 3.27
N ALA B 302 -5.23 -0.73 3.72
CA ALA B 302 -4.20 -0.17 2.86
C ALA B 302 -3.96 -1.05 1.64
N GLU B 303 -3.75 -2.35 1.87
CA GLU B 303 -3.49 -3.26 0.76
C GLU B 303 -4.70 -3.39 -0.16
N MET B 304 -5.91 -3.34 0.40
CA MET B 304 -7.11 -3.35 -0.42
C MET B 304 -7.20 -2.08 -1.27
N THR B 305 -6.71 -0.96 -0.74
CA THR B 305 -6.69 0.28 -1.51
C THR B 305 -5.63 0.22 -2.61
N MET B 306 -4.41 -0.20 -2.25
CA MET B 306 -3.33 -0.22 -3.22
C MET B 306 -3.56 -1.27 -4.30
N LYS B 307 -4.33 -2.32 -4.00
CA LYS B 307 -4.70 -3.26 -5.04
C LYS B 307 -5.74 -2.66 -5.98
N THR B 308 -6.69 -1.89 -5.43
CA THR B 308 -7.75 -1.33 -6.25
C THR B 308 -7.22 -0.24 -7.18
N VAL B 309 -6.25 0.54 -6.72
CA VAL B 309 -5.75 1.64 -7.54
C VAL B 309 -4.95 1.11 -8.72
N LYS B 310 -4.22 0.00 -8.54
CA LYS B 310 -3.48 -0.56 -9.66
C LYS B 310 -4.40 -1.15 -10.71
N LEU B 311 -5.46 -1.84 -10.27
CA LEU B 311 -6.45 -2.35 -11.21
C LEU B 311 -7.13 -1.21 -11.96
N ALA B 312 -7.36 -0.08 -11.28
CA ALA B 312 -7.89 1.10 -11.96
C ALA B 312 -6.90 1.62 -12.99
N SER B 313 -5.60 1.58 -12.67
CA SER B 313 -4.60 1.99 -13.64
C SER B 313 -4.61 1.08 -14.86
N CYS B 314 -4.71 -0.23 -14.62
CA CYS B 314 -4.87 -1.19 -15.71
C CYS B 314 -6.28 -1.19 -16.27
N ARG B 315 -7.16 -0.33 -15.75
CA ARG B 315 -8.51 -0.17 -16.30
C ARG B 315 -9.31 -1.46 -16.17
N TYR B 316 -9.20 -2.09 -15.00
CA TYR B 316 -9.92 -3.32 -14.69
C TYR B 316 -11.31 -3.04 -14.13
N TYR B 317 -11.50 -1.90 -13.48
CA TYR B 317 -12.76 -1.55 -12.83
C TYR B 317 -13.54 -0.49 -13.60
N ASP B 318 -13.34 -0.41 -14.93
CA ASP B 318 -14.01 0.63 -15.70
C ASP B 318 -15.52 0.38 -15.77
N SER B 319 -15.94 -0.88 -15.80
CA SER B 319 -17.36 -1.22 -15.89
C SER B 319 -18.09 -1.14 -14.56
N LEU B 320 -17.47 -0.52 -13.55
CA LEU B 320 -18.12 -0.32 -12.28
C LEU B 320 -19.26 0.69 -12.39
N PRO B 321 -20.25 0.63 -11.51
CA PRO B 321 -21.30 1.66 -11.50
C PRO B 321 -20.72 3.02 -11.17
N THR B 322 -21.54 4.05 -11.37
CA THR B 322 -21.14 5.42 -11.11
C THR B 322 -21.85 6.03 -9.91
N THR B 323 -22.60 5.23 -9.15
CA THR B 323 -23.33 5.71 -7.99
C THR B 323 -23.18 4.70 -6.86
N GLY B 324 -23.06 5.22 -5.64
CA GLY B 324 -23.03 4.39 -4.45
C GLY B 324 -24.43 4.13 -3.91
N ASP B 325 -24.48 3.37 -2.81
CA ASP B 325 -25.76 3.05 -2.18
C ASP B 325 -25.54 2.91 -0.67
N LYS B 326 -26.62 2.59 0.04
CA LYS B 326 -26.57 2.43 1.49
C LYS B 326 -25.70 1.25 1.92
N TYR B 327 -25.28 0.40 0.99
CA TYR B 327 -24.45 -0.75 1.29
C TYR B 327 -22.97 -0.49 1.05
N GLY B 328 -22.60 0.74 0.67
CA GLY B 328 -21.19 1.10 0.54
C GLY B 328 -20.47 0.42 -0.60
N ARG B 329 -21.12 0.26 -1.75
CA ARG B 329 -20.49 -0.38 -2.89
C ARG B 329 -19.50 0.56 -3.57
N ALA B 330 -18.49 -0.04 -4.19
CA ALA B 330 -17.53 0.74 -4.96
C ALA B 330 -18.17 1.29 -6.22
N PHE B 331 -17.68 2.44 -6.66
CA PHE B 331 -18.24 3.06 -7.86
C PHE B 331 -17.20 4.02 -8.44
N ARG B 332 -17.21 4.12 -9.78
CA ARG B 332 -16.41 5.13 -10.45
C ARG B 332 -17.07 6.50 -10.30
N ASP B 333 -16.24 7.54 -10.16
CA ASP B 333 -16.74 8.90 -10.05
C ASP B 333 -16.33 9.67 -11.30
N PRO B 334 -17.14 9.67 -12.36
CA PRO B 334 -16.76 10.40 -13.57
C PRO B 334 -16.64 11.89 -13.35
N GLU B 335 -17.36 12.45 -12.36
CA GLU B 335 -17.22 13.87 -12.04
C GLU B 335 -15.78 14.21 -11.70
N TRP B 336 -15.19 13.49 -10.74
CA TRP B 336 -13.82 13.76 -10.34
C TRP B 336 -12.78 13.15 -11.26
N GLU B 337 -13.18 12.25 -12.17
CA GLU B 337 -12.26 11.83 -13.22
C GLU B 337 -11.92 12.99 -14.14
N LYS B 338 -12.88 13.86 -14.40
CA LYS B 338 -12.61 15.06 -15.19
C LYS B 338 -11.82 16.07 -14.38
N ILE B 339 -12.13 16.20 -13.09
CA ILE B 339 -11.41 17.15 -12.23
C ILE B 339 -9.93 16.81 -12.19
N VAL B 340 -9.60 15.52 -12.20
CA VAL B 340 -8.20 15.11 -12.29
C VAL B 340 -7.64 15.45 -13.67
N MET B 341 -8.46 15.32 -14.71
CA MET B 341 -8.00 15.66 -16.05
C MET B 341 -7.82 17.16 -16.23
N GLU B 342 -8.60 17.97 -15.51
CA GLU B 342 -8.35 19.41 -15.51
C GLU B 342 -7.00 19.73 -14.89
N VAL B 343 -6.78 19.24 -13.66
CA VAL B 343 -5.52 19.47 -12.96
C VAL B 343 -4.35 19.01 -13.81
N ALA B 344 -4.49 17.84 -14.46
CA ALA B 344 -3.42 17.32 -15.31
C ALA B 344 -3.15 18.25 -16.49
N GLN B 345 -4.22 18.80 -17.09
CA GLN B 345 -4.04 19.65 -18.26
C GLN B 345 -3.71 21.09 -17.87
N LYS B 346 -4.22 21.54 -16.72
CA LYS B 346 -3.88 22.87 -16.22
C LYS B 346 -2.52 22.92 -15.53
N SER B 347 -1.88 21.76 -15.30
CA SER B 347 -0.59 21.75 -14.63
C SER B 347 0.51 22.29 -15.54
N GLY B 348 0.37 22.11 -16.86
CA GLY B 348 1.41 22.50 -17.79
C GLY B 348 2.61 21.60 -17.85
N ILE B 349 2.61 20.49 -17.09
CA ILE B 349 3.76 19.57 -17.09
C ILE B 349 3.85 18.83 -18.42
N GLY B 350 2.70 18.44 -18.98
CA GLY B 350 2.59 17.81 -20.29
C GLY B 350 3.38 16.52 -20.44
N ALA B 351 3.72 16.22 -21.70
CA ALA B 351 4.47 15.02 -22.07
C ALA B 351 5.95 15.24 -21.77
N GLN B 352 6.28 15.15 -20.48
CA GLN B 352 7.65 15.14 -19.97
C GLN B 352 8.37 16.48 -20.10
N PHE B 353 7.89 17.39 -20.95
CA PHE B 353 8.62 18.62 -21.22
C PHE B 353 7.67 19.78 -21.44
N GLY B 354 6.65 19.90 -20.59
CA GLY B 354 5.74 21.02 -20.67
C GLY B 354 4.66 20.86 -21.73
N GLY B 355 3.42 21.10 -21.36
CA GLY B 355 2.31 21.02 -22.29
C GLY B 355 1.05 20.58 -21.59
N LYS B 356 0.08 20.17 -22.41
CA LYS B 356 -1.25 19.82 -21.93
C LYS B 356 -1.38 18.35 -21.53
N TYR B 357 -0.83 17.44 -22.34
CA TYR B 357 -1.08 16.01 -22.17
C TYR B 357 -0.07 15.42 -21.18
N PHE B 358 -0.32 15.73 -19.91
CA PHE B 358 0.37 15.07 -18.81
C PHE B 358 -0.22 13.70 -18.51
N ALA B 359 -1.48 13.47 -18.85
CA ALA B 359 -2.16 12.22 -18.57
C ALA B 359 -3.09 11.86 -19.73
N HIS B 360 -3.11 10.58 -20.10
CA HIS B 360 -4.03 10.11 -21.13
C HIS B 360 -5.48 10.20 -20.65
N GLN B 361 -5.75 9.67 -19.46
CA GLN B 361 -7.10 9.62 -18.91
C GLN B 361 -6.99 9.34 -17.42
N ALA B 362 -8.12 9.48 -16.73
CA ALA B 362 -8.16 9.32 -15.28
C ALA B 362 -9.27 8.35 -14.89
N ARG B 363 -9.05 7.66 -13.78
CA ARG B 363 -10.02 6.75 -13.19
C ARG B 363 -10.08 7.01 -11.69
N VAL B 364 -11.25 7.39 -11.21
CA VAL B 364 -11.46 7.69 -9.79
C VAL B 364 -12.50 6.72 -9.26
N ILE B 365 -12.14 5.98 -8.21
CA ILE B 365 -13.00 4.97 -7.62
C ILE B 365 -13.16 5.27 -6.13
N ARG B 366 -14.40 5.33 -5.67
CA ARG B 366 -14.71 5.63 -4.28
C ARG B 366 -15.14 4.35 -3.58
N LEU B 367 -14.39 3.96 -2.55
CA LEU B 367 -14.62 2.74 -1.80
C LEU B 367 -15.26 3.04 -0.45
N PRO B 368 -15.85 2.04 0.20
CA PRO B 368 -16.25 2.22 1.61
C PRO B 368 -15.01 2.35 2.50
N ARG B 369 -15.24 2.74 3.75
CA ARG B 369 -14.14 3.01 4.65
C ARG B 369 -14.61 2.88 6.09
N HIS B 370 -13.65 2.61 6.96
CA HIS B 370 -13.88 2.70 8.40
C HIS B 370 -14.19 4.15 8.77
N GLY B 371 -15.05 4.33 9.78
CA GLY B 371 -15.38 5.67 10.23
C GLY B 371 -14.19 6.47 10.71
N ALA B 372 -13.10 5.79 11.09
CA ALA B 372 -11.88 6.44 11.53
C ALA B 372 -10.77 6.39 10.49
N SER B 373 -10.93 5.59 9.44
CA SER B 373 -9.92 5.42 8.41
C SER B 373 -10.35 6.12 7.13
N CYS B 374 -9.36 6.60 6.37
CA CYS B 374 -9.60 7.16 5.05
C CYS B 374 -8.35 6.97 4.21
N PRO B 375 -8.08 5.74 3.77
CA PRO B 375 -6.91 5.50 2.91
C PRO B 375 -7.18 5.97 1.49
N VAL B 376 -6.22 6.68 0.91
CA VAL B 376 -6.31 7.14 -0.46
C VAL B 376 -5.12 6.55 -1.24
N GLY B 377 -5.39 6.15 -2.48
CA GLY B 377 -4.36 5.51 -3.29
C GLY B 377 -4.09 6.23 -4.59
N LEU B 378 -2.81 6.46 -4.90
CA LEU B 378 -2.40 7.11 -6.12
C LEU B 378 -1.42 6.22 -6.86
N ALA B 379 -1.70 5.94 -8.12
CA ALA B 379 -0.82 5.15 -8.96
C ALA B 379 -1.07 5.50 -10.42
N VAL B 380 -0.09 5.21 -11.26
CA VAL B 380 -0.17 5.51 -12.68
C VAL B 380 0.27 4.30 -13.49
N SER B 381 -0.19 4.26 -14.73
CA SER B 381 0.29 3.30 -15.73
C SER B 381 1.18 4.06 -16.71
N CYS B 382 2.45 3.65 -16.79
CA CYS B 382 3.44 4.41 -17.54
C CYS B 382 3.21 4.25 -19.04
N SER B 383 4.14 4.80 -19.83
CA SER B 383 4.02 4.71 -21.28
C SER B 383 4.10 3.28 -21.78
N ALA B 384 4.75 2.40 -21.02
CA ALA B 384 4.76 0.98 -21.34
C ALA B 384 3.56 0.29 -20.68
N ASP B 385 2.38 0.75 -21.08
CA ASP B 385 1.12 0.19 -20.60
C ASP B 385 0.95 -1.21 -21.15
N ARG B 386 1.24 -2.20 -20.31
CA ARG B 386 1.24 -3.59 -20.73
C ARG B 386 0.30 -4.41 -19.86
N GLN B 387 -0.90 -4.69 -20.38
CA GLN B 387 -1.81 -5.60 -19.72
C GLN B 387 -2.61 -6.35 -20.77
N ILE B 388 -2.94 -7.61 -20.48
CA ILE B 388 -3.69 -8.46 -21.38
C ILE B 388 -4.68 -9.27 -20.56
N LEU B 389 -5.96 -9.19 -20.94
CA LEU B 389 -6.99 -10.01 -20.34
C LEU B 389 -7.08 -11.37 -21.04
N ALA B 390 -7.51 -12.38 -20.29
CA ALA B 390 -7.63 -13.71 -20.84
C ALA B 390 -8.61 -14.51 -19.99
N HIS B 391 -9.04 -15.65 -20.53
CA HIS B 391 -9.90 -16.57 -19.82
C HIS B 391 -9.89 -17.90 -20.56
N ILE B 392 -10.07 -18.98 -19.79
CA ILE B 392 -10.14 -20.33 -20.32
C ILE B 392 -11.52 -20.89 -20.00
N ASN B 393 -12.19 -21.42 -21.02
CA ASN B 393 -13.54 -21.95 -20.86
C ASN B 393 -13.63 -23.27 -21.63
N LYS B 394 -14.87 -23.74 -21.84
CA LYS B 394 -15.06 -24.98 -22.59
C LYS B 394 -14.63 -24.87 -24.04
N SER B 395 -14.58 -23.66 -24.58
CA SER B 395 -14.21 -23.44 -25.98
C SER B 395 -12.70 -23.34 -26.19
N GLY B 396 -11.92 -23.25 -25.12
CA GLY B 396 -10.47 -23.16 -25.24
C GLY B 396 -9.87 -21.99 -24.51
N ILE B 397 -8.77 -21.46 -25.04
CA ILE B 397 -8.05 -20.34 -24.44
C ILE B 397 -8.30 -19.10 -25.29
N TYR B 398 -8.93 -18.09 -24.69
CA TYR B 398 -9.17 -16.81 -25.35
C TYR B 398 -8.26 -15.76 -24.72
N ILE B 399 -7.57 -14.99 -25.54
CA ILE B 399 -6.65 -13.97 -25.07
C ILE B 399 -7.01 -12.64 -25.71
N GLU B 400 -6.85 -11.55 -24.96
CA GLU B 400 -7.25 -10.24 -25.42
C GLU B 400 -6.43 -9.80 -26.64
N GLN B 401 -7.13 -9.29 -27.64
CA GLN B 401 -6.46 -8.73 -28.82
C GLN B 401 -5.97 -7.33 -28.52
N LEU B 402 -4.71 -7.07 -28.85
CA LEU B 402 -4.15 -5.74 -28.83
C LEU B 402 -4.00 -5.23 -30.25
N GLU B 403 -3.82 -3.92 -30.40
CA GLU B 403 -3.76 -3.31 -31.72
C GLU B 403 -2.54 -3.82 -32.47
N GLN B 404 -2.77 -4.68 -33.45
CA GLN B 404 -1.67 -5.31 -34.18
C GLN B 404 -0.96 -4.32 -35.08
N ASN B 405 -1.70 -3.35 -35.64
CA ASN B 405 -1.14 -2.31 -36.49
C ASN B 405 -1.24 -0.97 -35.78
N PRO B 406 -0.16 -0.46 -35.17
CA PRO B 406 -0.24 0.82 -34.47
C PRO B 406 0.01 2.04 -35.35
N ALA B 407 0.51 1.86 -36.58
CA ALA B 407 0.82 3.00 -37.43
C ALA B 407 -0.42 3.76 -37.88
N GLN B 408 -1.60 3.12 -37.84
CA GLN B 408 -2.82 3.80 -38.26
C GLN B 408 -3.21 4.94 -37.34
N TYR B 409 -2.64 4.99 -36.12
CA TYR B 409 -2.86 6.08 -35.19
C TYR B 409 -1.86 7.23 -35.39
N LEU B 410 -1.01 7.15 -36.41
CA LEU B 410 0.02 8.15 -36.65
C LEU B 410 -0.36 8.99 -37.85
N PRO B 411 -0.36 10.33 -37.73
CA PRO B 411 -0.69 11.23 -38.86
C PRO B 411 0.43 11.30 -39.89
N THR B 421 16.36 22.79 -35.26
CA THR B 421 15.73 22.97 -33.96
C THR B 421 16.54 22.27 -32.85
N SER B 422 17.43 21.37 -33.25
CA SER B 422 18.24 20.62 -32.32
C SER B 422 19.68 21.10 -32.38
N VAL B 423 20.35 21.13 -31.22
CA VAL B 423 21.74 21.56 -31.12
C VAL B 423 22.61 20.31 -31.24
N LYS B 424 23.20 20.10 -32.41
CA LYS B 424 24.10 18.98 -32.62
C LYS B 424 25.31 19.11 -31.70
N VAL B 425 25.47 18.15 -30.79
CA VAL B 425 26.54 18.16 -29.81
C VAL B 425 27.46 16.98 -30.09
N ASP B 426 28.76 17.26 -30.25
CA ASP B 426 29.76 16.23 -30.43
C ASP B 426 30.32 15.82 -29.07
N LEU B 427 30.19 14.54 -28.73
CA LEU B 427 30.65 14.01 -27.47
C LEU B 427 32.03 13.38 -27.55
N LYS B 428 32.72 13.54 -28.69
CA LYS B 428 34.07 13.03 -28.86
C LYS B 428 35.14 14.02 -28.44
N ARG B 429 34.75 15.18 -27.95
CA ARG B 429 35.68 16.17 -27.42
C ARG B 429 36.01 15.85 -25.96
N PRO B 430 37.05 16.47 -25.40
CA PRO B 430 37.27 16.38 -23.95
C PRO B 430 36.01 16.82 -23.20
N ILE B 431 35.77 16.18 -22.05
CA ILE B 431 34.52 16.38 -21.32
C ILE B 431 34.32 17.86 -21.00
N ASP B 432 35.39 18.56 -20.63
CA ASP B 432 35.28 19.98 -20.34
C ASP B 432 34.98 20.80 -21.59
N LYS B 433 35.40 20.31 -22.77
CA LYS B 433 35.05 20.99 -24.00
C LYS B 433 33.60 20.76 -24.39
N VAL B 434 32.98 19.68 -23.90
CA VAL B 434 31.55 19.48 -24.14
C VAL B 434 30.72 20.25 -23.12
N ARG B 435 31.22 20.38 -21.88
CA ARG B 435 30.51 21.18 -20.88
C ARG B 435 30.47 22.65 -21.27
N GLN B 436 31.53 23.15 -21.93
CA GLN B 436 31.54 24.55 -22.35
C GLN B 436 30.48 24.82 -23.41
N GLN B 437 30.26 23.87 -24.32
CA GLN B 437 29.27 24.06 -25.37
C GLN B 437 27.85 24.08 -24.79
N LEU B 438 27.57 23.22 -23.80
CA LEU B 438 26.23 23.16 -23.23
C LEU B 438 25.88 24.43 -22.45
N SER B 439 26.87 25.08 -21.85
CA SER B 439 26.61 26.30 -21.08
C SER B 439 26.14 27.46 -21.94
N GLN B 440 26.28 27.37 -23.26
CA GLN B 440 25.83 28.42 -24.16
C GLN B 440 24.31 28.46 -24.33
N TYR B 441 23.59 27.45 -23.83
CA TYR B 441 22.17 27.31 -24.12
C TYR B 441 21.36 27.25 -22.84
N PRO B 442 20.13 27.76 -22.88
CA PRO B 442 19.27 27.72 -21.69
C PRO B 442 18.62 26.36 -21.54
N VAL B 443 17.84 26.20 -20.47
CA VAL B 443 17.13 24.96 -20.21
C VAL B 443 15.93 24.85 -21.13
N GLY B 444 15.63 23.63 -21.58
CA GLY B 444 14.60 23.39 -22.54
C GLY B 444 15.06 23.27 -23.98
N THR B 445 16.35 23.50 -24.25
CA THR B 445 16.86 23.46 -25.61
C THR B 445 16.98 22.01 -26.07
N ARG B 446 16.42 21.72 -27.25
CA ARG B 446 16.47 20.37 -27.79
C ARG B 446 17.87 20.09 -28.34
N VAL B 447 18.42 18.94 -27.96
CA VAL B 447 19.82 18.60 -28.21
C VAL B 447 19.89 17.23 -28.86
N MET B 448 20.83 17.06 -29.78
CA MET B 448 21.10 15.79 -30.45
C MET B 448 22.54 15.39 -30.14
N LEU B 449 22.70 14.45 -29.21
CA LEU B 449 24.03 13.97 -28.83
C LEU B 449 24.57 13.02 -29.88
N ASN B 450 25.88 13.11 -30.13
CA ASN B 450 26.56 12.23 -31.10
C ASN B 450 27.95 11.91 -30.56
N GLY B 451 28.11 10.74 -29.97
CA GLY B 451 29.39 10.35 -29.43
C GLY B 451 29.29 9.15 -28.51
N THR B 452 30.17 9.11 -27.51
CA THR B 452 30.28 7.99 -26.59
C THR B 452 29.58 8.31 -25.28
N LEU B 453 28.85 7.32 -24.76
CA LEU B 453 28.15 7.44 -23.49
C LEU B 453 28.56 6.29 -22.57
N ILE B 454 28.76 6.62 -21.29
CA ILE B 454 28.98 5.62 -20.25
C ILE B 454 27.64 5.35 -19.58
N VAL B 455 27.32 4.08 -19.39
CA VAL B 455 26.03 3.66 -18.86
C VAL B 455 26.24 3.12 -17.45
N ALA B 456 25.45 3.62 -16.50
CA ALA B 456 25.52 3.19 -15.11
C ALA B 456 24.24 3.61 -14.41
N ARG B 457 23.76 2.77 -13.50
CA ARG B 457 22.53 3.06 -12.77
C ARG B 457 22.71 2.58 -11.32
N ASP B 458 21.58 2.30 -10.67
CA ASP B 458 21.50 2.23 -9.20
C ASP B 458 22.64 1.44 -8.57
N ILE B 459 22.81 0.19 -8.98
CA ILE B 459 23.76 -0.67 -8.29
C ILE B 459 25.19 -0.30 -8.64
N ALA B 460 25.43 0.22 -9.85
CA ALA B 460 26.77 0.70 -10.18
C ALA B 460 27.18 1.86 -9.29
N HIS B 461 26.28 2.81 -9.08
CA HIS B 461 26.58 3.94 -8.20
C HIS B 461 26.84 3.48 -6.78
N ALA B 462 26.07 2.48 -6.31
CA ALA B 462 26.25 2.00 -4.95
C ALA B 462 27.62 1.34 -4.77
N LYS B 463 28.19 0.80 -5.85
CA LYS B 463 29.52 0.18 -5.78
C LYS B 463 30.64 1.19 -6.00
N ILE B 464 30.38 2.24 -6.79
CA ILE B 464 31.42 3.24 -7.03
C ILE B 464 31.55 4.18 -5.84
N LYS B 465 30.42 4.51 -5.19
CA LYS B 465 30.48 5.26 -3.94
C LYS B 465 31.18 4.44 -2.86
N GLU B 466 30.96 3.12 -2.85
CA GLU B 466 31.70 2.25 -1.94
C GLU B 466 33.19 2.27 -2.23
N MET B 467 33.58 2.39 -3.49
CA MET B 467 34.99 2.54 -3.84
C MET B 467 35.58 3.80 -3.23
N MET B 468 34.97 4.96 -3.51
CA MET B 468 35.50 6.23 -3.04
C MET B 468 35.42 6.36 -1.52
N ASP B 469 34.51 5.62 -0.86
CA ASP B 469 34.43 5.64 0.59
C ASP B 469 35.50 4.79 1.25
N ASN B 470 36.31 4.06 0.49
CA ASN B 470 37.37 3.23 1.04
C ASN B 470 38.77 3.61 0.58
N GLY B 471 38.90 4.55 -0.36
CA GLY B 471 40.21 4.99 -0.79
C GLY B 471 40.41 4.95 -2.29
N GLU B 472 39.76 4.00 -2.96
CA GLU B 472 39.88 3.92 -4.41
C GLU B 472 39.37 5.20 -5.05
N PRO B 473 40.01 5.69 -6.10
CA PRO B 473 39.56 6.92 -6.74
C PRO B 473 38.34 6.67 -7.60
N LEU B 474 37.65 7.76 -7.93
CA LEU B 474 36.55 7.69 -8.86
C LEU B 474 37.03 7.07 -10.16
N PRO B 475 36.45 5.95 -10.60
CA PRO B 475 36.97 5.26 -11.78
C PRO B 475 37.02 6.17 -13.01
N GLU B 476 37.87 5.78 -13.96
CA GLU B 476 38.15 6.63 -15.11
C GLU B 476 36.93 6.79 -15.99
N TYR B 477 36.12 5.73 -16.14
CA TYR B 477 34.99 5.78 -17.05
C TYR B 477 33.91 6.78 -16.62
N MET B 478 33.85 7.12 -15.32
CA MET B 478 32.87 8.10 -14.89
C MET B 478 33.24 9.51 -15.32
N LYS B 479 34.53 9.79 -15.52
CA LYS B 479 35.00 11.15 -15.76
C LYS B 479 35.16 11.49 -17.24
N THR B 480 35.09 10.51 -18.14
CA THR B 480 35.40 10.76 -19.54
C THR B 480 34.18 11.17 -20.36
N SER B 481 33.04 10.52 -20.16
CA SER B 481 31.87 10.70 -20.99
C SER B 481 30.66 11.01 -20.12
N PRO B 482 29.59 11.58 -20.71
CA PRO B 482 28.36 11.77 -19.94
C PRO B 482 27.82 10.45 -19.42
N ILE B 483 27.22 10.51 -18.24
CA ILE B 483 26.72 9.31 -17.57
C ILE B 483 25.29 9.08 -18.02
N TYR B 484 25.04 7.93 -18.64
CA TYR B 484 23.73 7.57 -19.18
C TYR B 484 23.07 6.61 -18.20
N TYR B 485 22.11 7.11 -17.44
CA TYR B 485 21.34 6.27 -16.52
C TYR B 485 20.40 5.40 -17.35
N ALA B 486 20.81 4.16 -17.62
CA ALA B 486 20.01 3.26 -18.45
C ALA B 486 20.48 1.83 -18.22
N GLY B 487 19.76 0.89 -18.85
CA GLY B 487 20.10 -0.51 -18.79
C GLY B 487 19.50 -1.25 -19.97
N PRO B 488 20.33 -2.04 -20.68
CA PRO B 488 19.87 -2.65 -21.93
C PRO B 488 19.13 -3.96 -21.72
N ALA B 489 18.12 -4.18 -22.56
CA ALA B 489 17.47 -5.48 -22.63
C ALA B 489 18.36 -6.44 -23.40
N LYS B 490 17.91 -7.69 -23.53
CA LYS B 490 18.69 -8.66 -24.27
C LYS B 490 18.74 -8.29 -25.74
N THR B 491 19.85 -8.65 -26.39
CA THR B 491 20.12 -8.20 -27.75
C THR B 491 19.62 -9.23 -28.75
N PRO B 492 18.83 -8.82 -29.75
CA PRO B 492 18.42 -9.76 -30.80
C PRO B 492 19.61 -10.19 -31.65
N GLU B 493 19.38 -11.21 -32.46
CA GLU B 493 20.42 -11.71 -33.35
C GLU B 493 20.70 -10.69 -34.45
N GLY B 494 21.99 -10.47 -34.73
CA GLY B 494 22.38 -9.51 -35.75
C GLY B 494 22.02 -8.08 -35.43
N TYR B 495 21.76 -7.77 -34.16
CA TYR B 495 21.40 -6.43 -33.72
C TYR B 495 22.53 -5.84 -32.88
N ALA B 496 22.67 -4.52 -32.94
CA ALA B 496 23.71 -3.84 -32.18
C ALA B 496 23.40 -3.86 -30.69
N SER B 497 22.12 -3.75 -30.33
CA SER B 497 21.70 -3.77 -28.94
C SER B 497 20.19 -3.97 -28.91
N GLY B 498 19.70 -4.43 -27.75
CA GLY B 498 18.28 -4.44 -27.49
C GLY B 498 17.81 -3.07 -27.03
N SER B 499 16.55 -3.02 -26.61
CA SER B 499 15.96 -1.78 -26.12
C SER B 499 16.80 -1.21 -24.99
N PHE B 500 17.10 0.08 -25.08
CA PHE B 500 18.09 0.71 -24.21
C PHE B 500 17.62 2.12 -23.80
N GLY B 501 16.36 2.22 -23.38
CA GLY B 501 15.79 3.49 -22.99
C GLY B 501 16.31 3.99 -21.67
N PRO B 502 16.02 5.24 -21.34
CA PRO B 502 16.55 5.83 -20.10
C PRO B 502 15.82 5.30 -18.87
N THR B 503 16.40 5.59 -17.71
N THR B 503 16.38 5.65 -17.71
CA THR B 503 15.83 5.22 -16.43
CA THR B 503 15.89 5.19 -16.42
C THR B 503 15.59 6.46 -15.60
C THR B 503 15.71 6.41 -15.51
N THR B 504 14.83 6.29 -14.52
CA THR B 504 14.48 7.39 -13.63
C THR B 504 15.73 8.03 -13.01
N ALA B 505 15.90 9.33 -13.28
CA ALA B 505 17.11 10.02 -12.84
C ALA B 505 17.13 10.22 -11.33
N GLY B 506 15.98 10.53 -10.74
CA GLY B 506 15.91 10.88 -9.33
C GLY B 506 16.46 9.82 -8.39
N ARG B 507 16.61 8.59 -8.86
CA ARG B 507 17.08 7.52 -7.98
C ARG B 507 18.58 7.56 -7.75
N MET B 508 19.34 8.14 -8.68
CA MET B 508 20.78 8.37 -8.51
C MET B 508 21.10 9.79 -8.10
N ASP B 509 20.14 10.52 -7.53
CA ASP B 509 20.38 11.92 -7.15
C ASP B 509 21.40 12.03 -6.02
N SER B 510 21.42 11.06 -5.10
CA SER B 510 22.29 11.10 -3.92
C SER B 510 23.77 10.97 -4.25
N TYR B 511 24.14 10.73 -5.51
CA TYR B 511 25.53 10.53 -5.88
C TYR B 511 26.12 11.69 -6.67
N VAL B 512 25.32 12.67 -7.06
CA VAL B 512 25.79 13.70 -7.98
C VAL B 512 26.86 14.57 -7.32
N ASP B 513 26.51 15.21 -6.20
CA ASP B 513 27.45 16.14 -5.56
C ASP B 513 28.72 15.43 -5.13
N LEU B 514 28.63 14.16 -4.73
CA LEU B 514 29.83 13.40 -4.38
C LEU B 514 30.69 13.15 -5.60
N PHE B 515 30.09 12.57 -6.65
CA PHE B 515 30.85 12.26 -7.86
C PHE B 515 31.35 13.52 -8.55
N GLN B 516 30.57 14.61 -8.50
CA GLN B 516 31.02 15.86 -9.10
C GLN B 516 32.14 16.50 -8.29
N SER B 517 32.15 16.28 -6.97
CA SER B 517 33.23 16.80 -6.14
C SER B 517 34.55 16.08 -6.40
N HIS B 518 34.53 14.94 -7.08
CA HIS B 518 35.73 14.16 -7.34
C HIS B 518 36.05 14.05 -8.83
N GLY B 519 35.48 14.93 -9.65
CA GLY B 519 35.90 15.07 -11.03
C GLY B 519 35.00 14.44 -12.07
N GLY B 520 33.95 13.74 -11.68
CA GLY B 520 33.11 13.07 -12.65
C GLY B 520 31.63 13.41 -12.56
N SER B 521 30.82 12.73 -13.36
CA SER B 521 29.36 12.90 -13.38
C SER B 521 28.96 14.36 -13.63
N TYR B 522 29.78 15.06 -14.41
CA TYR B 522 29.45 16.45 -14.74
C TYR B 522 28.30 16.55 -15.73
N ILE B 523 28.04 15.51 -16.52
CA ILE B 523 26.90 15.46 -17.42
C ILE B 523 26.19 14.14 -17.21
N THR B 524 24.90 14.20 -16.90
CA THR B 524 24.07 13.02 -16.69
C THR B 524 22.93 13.01 -17.70
N LEU B 525 22.56 11.82 -18.15
CA LEU B 525 21.52 11.66 -19.17
C LEU B 525 20.54 10.59 -18.71
N ALA B 526 19.30 10.99 -18.46
CA ALA B 526 18.25 10.09 -18.02
C ALA B 526 16.91 10.76 -18.31
N LYS B 527 15.86 10.31 -17.63
CA LYS B 527 14.53 10.89 -17.78
C LYS B 527 13.95 11.20 -16.40
N GLY B 528 13.10 12.20 -16.35
CA GLY B 528 12.40 12.53 -15.13
C GLY B 528 13.07 13.65 -14.36
N ASN B 529 12.25 14.41 -13.63
CA ASN B 529 12.75 15.51 -12.82
C ASN B 529 13.60 14.99 -11.67
N ARG B 530 14.52 15.83 -11.20
CA ARG B 530 15.40 15.52 -10.09
C ARG B 530 15.16 16.51 -8.95
N SER B 531 15.75 16.21 -7.81
CA SER B 531 15.58 17.03 -6.62
C SER B 531 16.43 18.30 -6.72
N LYS B 532 16.16 19.24 -5.81
CA LYS B 532 16.93 20.48 -5.77
C LYS B 532 18.37 20.25 -5.36
N GLN B 533 18.66 19.15 -4.63
CA GLN B 533 20.03 18.86 -4.24
C GLN B 533 20.94 18.61 -5.44
N VAL B 534 20.37 18.26 -6.59
CA VAL B 534 21.16 18.05 -7.79
C VAL B 534 21.37 19.36 -8.56
N THR B 535 20.33 20.20 -8.63
CA THR B 535 20.48 21.50 -9.27
C THR B 535 21.53 22.34 -8.55
N ASP B 536 21.62 22.22 -7.22
CA ASP B 536 22.67 22.90 -6.49
C ASP B 536 24.05 22.35 -6.86
N ALA B 537 24.18 21.03 -6.97
CA ALA B 537 25.47 20.44 -7.33
C ALA B 537 25.86 20.78 -8.76
N CYS B 538 24.88 20.99 -9.65
CA CYS B 538 25.20 21.35 -11.02
C CYS B 538 25.65 22.81 -11.12
N LYS B 539 24.99 23.72 -10.41
CA LYS B 539 25.44 25.10 -10.40
C LYS B 539 26.79 25.23 -9.70
N LYS B 540 26.98 24.50 -8.60
CA LYS B 540 28.22 24.59 -7.85
C LYS B 540 29.40 24.02 -8.64
N HIS B 541 29.32 22.75 -9.01
CA HIS B 541 30.42 22.08 -9.70
C HIS B 541 30.44 22.33 -11.20
N GLY B 542 29.55 23.18 -11.71
CA GLY B 542 29.50 23.47 -13.13
C GLY B 542 29.11 22.26 -13.96
N GLY B 543 27.98 21.65 -13.63
CA GLY B 543 27.54 20.43 -14.27
C GLY B 543 26.22 20.60 -15.00
N PHE B 544 25.82 19.53 -15.68
CA PHE B 544 24.59 19.51 -16.46
C PHE B 544 23.88 18.19 -16.24
N TYR B 545 22.55 18.21 -16.40
CA TYR B 545 21.72 17.01 -16.40
C TYR B 545 20.88 17.05 -17.67
N LEU B 546 21.15 16.12 -18.59
CA LEU B 546 20.42 16.03 -19.83
C LEU B 546 19.23 15.10 -19.66
N GLY B 547 18.09 15.49 -20.22
CA GLY B 547 16.88 14.70 -20.08
C GLY B 547 16.44 14.06 -21.37
N SER B 548 16.61 12.75 -21.47
CA SER B 548 16.16 12.02 -22.64
C SER B 548 14.64 11.89 -22.65
N ILE B 549 14.11 11.41 -23.76
CA ILE B 549 12.69 11.10 -23.86
C ILE B 549 12.45 9.75 -23.19
N GLY B 550 11.60 9.74 -22.17
CA GLY B 550 11.34 8.52 -21.42
C GLY B 550 10.32 7.62 -22.08
N GLY B 551 10.72 6.38 -22.38
CA GLY B 551 9.82 5.43 -22.99
C GLY B 551 10.28 4.81 -24.31
N PRO B 552 10.72 5.64 -25.29
CA PRO B 552 11.10 5.06 -26.60
C PRO B 552 12.39 4.27 -26.54
N ALA B 553 12.34 3.07 -25.95
CA ALA B 553 13.55 2.27 -25.80
C ALA B 553 13.90 1.52 -27.08
N ALA B 554 12.91 1.14 -27.88
CA ALA B 554 13.18 0.37 -29.09
C ALA B 554 13.70 1.26 -30.21
N ILE B 555 13.10 2.44 -30.39
CA ILE B 555 13.51 3.33 -31.48
C ILE B 555 14.85 4.00 -31.19
N LEU B 556 15.24 4.11 -29.91
CA LEU B 556 16.58 4.60 -29.59
C LEU B 556 17.65 3.55 -29.91
N ALA B 557 17.30 2.27 -29.80
CA ALA B 557 18.27 1.21 -30.07
C ALA B 557 18.50 1.04 -31.56
N LYS B 558 17.44 1.13 -32.36
CA LYS B 558 17.56 0.89 -33.79
C LYS B 558 18.13 2.10 -34.53
N ASP B 559 17.74 3.30 -34.12
CA ASP B 559 18.12 4.52 -34.84
C ASP B 559 19.32 5.22 -34.23
N SER B 560 19.44 5.23 -32.90
CA SER B 560 20.45 6.06 -32.24
C SER B 560 21.67 5.29 -31.74
N ILE B 561 21.48 4.10 -31.18
CA ILE B 561 22.58 3.34 -30.60
C ILE B 561 23.18 2.45 -31.67
N LYS B 562 24.50 2.57 -31.88
CA LYS B 562 25.18 1.90 -32.97
C LYS B 562 26.20 0.86 -32.53
N GLN B 563 26.75 0.96 -31.31
CA GLN B 563 27.79 0.05 -30.86
C GLN B 563 27.75 0.01 -29.34
N VAL B 564 27.74 -1.19 -28.76
CA VAL B 564 27.62 -1.39 -27.32
C VAL B 564 28.73 -2.31 -26.85
N THR B 565 29.29 -2.01 -25.68
CA THR B 565 30.34 -2.83 -25.09
C THR B 565 30.21 -2.78 -23.58
N CYS B 566 30.09 -3.95 -22.95
CA CYS B 566 30.07 -4.04 -21.50
C CYS B 566 31.42 -3.61 -20.94
N LEU B 567 31.39 -2.75 -19.93
CA LEU B 567 32.61 -2.12 -19.42
C LEU B 567 33.04 -2.60 -18.05
N ALA B 568 32.11 -2.83 -17.13
CA ALA B 568 32.46 -3.25 -15.77
C ALA B 568 31.25 -3.88 -15.11
N PHE B 569 31.53 -4.67 -14.06
CA PHE B 569 30.51 -5.34 -13.27
C PHE B 569 29.55 -6.17 -14.12
N PRO B 570 30.07 -7.07 -14.97
CA PRO B 570 29.17 -7.79 -15.90
C PRO B 570 28.16 -8.70 -15.22
N GLU B 571 28.34 -9.00 -13.94
CA GLU B 571 27.41 -9.83 -13.19
C GLU B 571 26.12 -9.11 -12.82
N LEU B 572 26.00 -7.82 -13.13
CA LEU B 572 24.89 -7.00 -12.68
C LEU B 572 23.73 -6.92 -13.66
N GLY B 573 23.76 -7.66 -14.77
CA GLY B 573 22.65 -7.61 -15.70
C GLY B 573 22.59 -6.28 -16.41
N MET B 574 21.39 -5.68 -16.46
CA MET B 574 21.25 -4.37 -17.07
C MET B 574 22.01 -3.31 -16.28
N GLU B 575 22.13 -3.50 -14.97
CA GLU B 575 22.72 -2.50 -14.09
C GLU B 575 24.24 -2.52 -14.11
N ALA B 576 24.85 -3.26 -15.03
CA ALA B 576 26.29 -3.21 -15.21
C ALA B 576 26.69 -1.85 -15.79
N VAL B 577 27.99 -1.64 -15.92
CA VAL B 577 28.52 -0.43 -16.54
C VAL B 577 28.75 -0.71 -18.02
N TRP B 578 28.13 0.08 -18.88
CA TRP B 578 28.21 -0.12 -20.32
C TRP B 578 28.80 1.11 -21.00
N LYS B 579 29.57 0.86 -22.06
CA LYS B 579 30.04 1.90 -22.97
C LYS B 579 29.31 1.71 -24.29
N ILE B 580 28.62 2.76 -24.74
CA ILE B 580 27.82 2.70 -25.96
C ILE B 580 28.22 3.84 -26.88
N GLU B 581 28.29 3.55 -28.17
CA GLU B 581 28.51 4.57 -29.19
C GLU B 581 27.16 4.98 -29.76
N VAL B 582 26.90 6.29 -29.77
CA VAL B 582 25.56 6.82 -30.01
C VAL B 582 25.62 7.89 -31.09
N GLU B 583 24.61 7.89 -31.96
CA GLU B 583 24.44 8.92 -32.99
C GLU B 583 23.00 9.40 -32.99
N ASP B 584 22.81 10.72 -33.05
CA ASP B 584 21.49 11.33 -33.14
C ASP B 584 20.60 10.93 -31.96
N PHE B 585 21.05 11.30 -30.76
CA PHE B 585 20.33 11.00 -29.53
C PHE B 585 19.50 12.20 -29.12
N PRO B 586 18.18 12.17 -29.25
CA PRO B 586 17.37 13.31 -28.78
C PRO B 586 17.43 13.46 -27.28
N ALA B 587 17.54 14.70 -26.81
CA ALA B 587 17.62 14.99 -25.39
C ALA B 587 17.28 16.45 -25.15
N PHE B 588 16.93 16.77 -23.91
CA PHE B 588 16.59 18.12 -23.50
C PHE B 588 17.48 18.56 -22.35
N ILE B 589 17.90 19.82 -22.39
CA ILE B 589 18.63 20.44 -21.30
C ILE B 589 17.60 20.89 -20.26
N VAL B 590 17.59 20.23 -19.11
CA VAL B 590 16.65 20.53 -18.05
C VAL B 590 17.32 21.21 -16.86
N VAL B 591 18.57 20.85 -16.54
CA VAL B 591 19.32 21.47 -15.46
C VAL B 591 20.65 21.95 -16.02
N ASP B 592 20.93 23.25 -15.86
CA ASP B 592 22.16 23.85 -16.37
C ASP B 592 23.10 24.16 -15.20
N ASP B 593 24.22 24.80 -15.53
CA ASP B 593 25.24 25.15 -14.57
C ASP B 593 24.96 26.45 -13.82
N LYS B 594 23.75 27.00 -13.96
CA LYS B 594 23.41 28.27 -13.34
C LYS B 594 22.50 28.14 -12.13
N GLY B 595 21.61 27.15 -12.12
CA GLY B 595 20.69 26.97 -11.03
C GLY B 595 19.26 26.86 -11.52
N ASN B 596 19.08 26.89 -12.84
CA ASN B 596 17.77 26.86 -13.44
C ASN B 596 17.28 25.44 -13.66
N ASP B 597 15.96 25.28 -13.70
CA ASP B 597 15.33 23.98 -13.92
C ASP B 597 14.06 24.22 -14.72
N MET B 598 13.91 23.47 -15.81
CA MET B 598 12.73 23.63 -16.65
C MET B 598 11.45 23.12 -15.99
N TYR B 599 11.57 22.44 -14.85
CA TYR B 599 10.41 21.94 -14.12
C TYR B 599 10.02 22.80 -12.93
N SER B 600 10.83 23.80 -12.58
CA SER B 600 10.53 24.64 -11.43
C SER B 600 9.21 25.39 -11.61
N LYS B 601 8.81 25.64 -12.86
CA LYS B 601 7.53 26.30 -13.11
C LYS B 601 6.36 25.32 -12.95
N THR B 602 6.56 24.07 -13.32
CA THR B 602 5.49 23.07 -13.33
C THR B 602 5.46 22.19 -12.09
N LEU B 603 6.62 21.91 -11.48
CA LEU B 603 6.69 20.91 -10.42
C LEU B 603 7.05 21.47 -9.06
N ALA B 604 7.70 22.63 -8.97
CA ALA B 604 8.03 23.21 -7.68
C ALA B 604 6.79 23.84 -7.03
FE1 SF4 C . -8.83 0.15 19.83
FE2 SF4 C . -6.59 -0.66 18.50
FE3 SF4 C . -6.51 1.58 20.07
FE4 SF4 C . -7.89 1.61 17.71
S1 SF4 C . -5.65 1.35 17.97
S2 SF4 C . -8.59 2.41 19.72
S3 SF4 C . -8.70 -0.53 17.65
S4 SF4 C . -6.87 -0.57 20.75
C1 LMR D . -8.55 4.55 16.76
O1A LMR D . -8.57 5.78 16.49
O1B LMR D . -7.56 4.04 17.34
C2 LMR D . -9.76 3.69 16.41
O2 LMR D . -10.03 2.84 17.49
C3 LMR D . -10.96 4.60 16.17
C4 LMR D . -12.19 4.07 16.90
O4A LMR D . -13.26 3.87 16.27
O4B LMR D . -12.15 3.83 18.14
FE1 SF4 E . 7.54 2.62 -17.89
FE2 SF4 E . 9.77 1.94 -19.30
FE3 SF4 E . 9.98 2.54 -16.64
FE4 SF4 E . 9.43 4.52 -18.45
S1 SF4 E . 11.33 3.29 -18.31
S2 SF4 E . 8.39 4.16 -16.45
S3 SF4 E . 8.14 3.38 -19.95
S4 SF4 E . 8.85 0.78 -17.58
OXT FUM F . 14.44 -1.14 -15.70
C FUM F . 14.79 0.02 -16.05
O FUM F . 15.93 0.21 -16.57
C4 FUM F . 13.84 1.21 -15.87
C5 FUM F . 13.46 1.57 -14.66
C6 FUM F . 12.53 2.76 -14.48
O7 FUM F . 12.97 3.86 -14.05
O8 FUM F . 11.32 2.66 -14.78
C1 GOL G . -7.87 -33.18 -18.72
O1 GOL G . -6.55 -33.56 -18.47
C2 GOL G . -8.05 -33.20 -20.26
O2 GOL G . -9.36 -32.97 -20.63
C3 GOL G . -7.08 -32.11 -20.78
O3 GOL G . -6.89 -32.36 -22.14
#